data_2RFB
#
_entry.id   2RFB
#
_cell.length_a   48.790
_cell.length_b   168.460
_cell.length_c   88.230
_cell.angle_alpha   90.00
_cell.angle_beta   96.25
_cell.angle_gamma   90.00
#
_symmetry.space_group_name_H-M   'P 1 21 1'
#
loop_
_entity.id
_entity.type
_entity.pdbx_description
1 polymer 'Cytochrome P450'
2 non-polymer 'SULFATE ION'
3 non-polymer 'PROTOPORPHYRIN IX CONTAINING FE'
4 water water
#
_entity_poly.entity_id   1
_entity_poly.type   'polypeptide(L)'
_entity_poly.pdbx_seq_one_letter_code
;MRLNDPVHYDGAWHVYKYSDVKHVLMNDKIFSSNPGNRYSNAGGISFITMDNPEHKEFRDISAPYFLPSKINDYKDFIEE
TSNDLIKNIDNKDIISEYAVRLPVNIISKILGIPDSDMPLFKLWSDYIIGNKRDENFNYVNNRMVSRLLEIFKSDSHGII
NVLAGSSLKNRKLTMDEKIKYIMLLIIGGNETTTNLIGNMIRVIDENPDIIDDALKNRSGFVEETLRYYSPIQFLPHRFA
AEDSYINNKKIKKGDQVIVYLGSANRDETFFDEPDLFKIGRREMHLAFGIGIHMCLGAPLARLEASIALNDILNHFKRIK
IDYKKSRLLDNKMVLGYDKLFLS
;
_entity_poly.pdbx_strand_id   A,B,C
#
loop_
_chem_comp.id
_chem_comp.type
_chem_comp.name
_chem_comp.formula
HEM non-polymer 'PROTOPORPHYRIN IX CONTAINING FE' 'C34 H32 Fe N4 O4'
SO4 non-polymer 'SULFATE ION' 'O4 S -2'
#
# COMPACT_ATOMS: atom_id res chain seq x y z
N LEU A 3 -13.11 16.43 5.92
CA LEU A 3 -12.77 15.33 4.98
C LEU A 3 -11.97 15.80 3.74
N ASN A 4 -11.40 14.81 3.04
CA ASN A 4 -10.52 15.06 1.90
C ASN A 4 -11.24 15.04 0.52
N ASP A 5 -10.74 15.86 -0.40
CA ASP A 5 -11.08 15.72 -1.80
C ASP A 5 -10.49 14.35 -2.32
N PRO A 6 -10.94 13.84 -3.49
CA PRO A 6 -10.57 12.50 -3.97
C PRO A 6 -9.08 12.33 -4.18
N VAL A 7 -8.51 11.26 -3.68
CA VAL A 7 -7.12 10.98 -3.97
C VAL A 7 -6.93 9.67 -4.73
N HIS A 8 -5.88 9.64 -5.52
CA HIS A 8 -5.55 8.44 -6.28
C HIS A 8 -4.31 7.76 -5.71
N TYR A 9 -4.48 6.53 -5.21
CA TYR A 9 -3.38 5.64 -4.85
C TYR A 9 -3.83 4.18 -4.84
N ASP A 10 -2.88 3.26 -4.93
CA ASP A 10 -3.13 1.81 -5.03
C ASP A 10 -4.10 1.42 -6.15
N GLY A 11 -3.95 2.02 -7.33
CA GLY A 11 -4.84 1.77 -8.48
C GLY A 11 -6.33 2.24 -8.45
N ALA A 12 -6.74 3.00 -7.43
CA ALA A 12 -8.10 3.53 -7.37
C ALA A 12 -8.17 4.97 -6.82
N TRP A 13 -9.28 5.65 -7.11
CA TRP A 13 -9.54 6.96 -6.58
C TRP A 13 -10.16 6.61 -5.29
N HIS A 14 -9.87 7.37 -4.24
CA HIS A 14 -10.63 7.26 -2.99
C HIS A 14 -11.47 8.51 -2.75
N VAL A 15 -12.75 8.29 -2.43
CA VAL A 15 -13.76 9.35 -2.36
C VAL A 15 -14.38 9.36 -1.01
N TYR A 16 -14.27 10.49 -0.34
CA TYR A 16 -14.54 10.59 1.09
C TYR A 16 -15.67 11.53 1.48
N LYS A 17 -15.79 12.66 0.80
CA LYS A 17 -16.75 13.68 1.12
C LYS A 17 -18.11 13.20 0.77
N TYR A 18 -19.09 13.55 1.61
CA TYR A 18 -20.47 13.14 1.42
C TYR A 18 -21.01 13.53 0.04
N SER A 19 -20.86 14.78 -0.39
CA SER A 19 -21.37 15.10 -1.70
C SER A 19 -20.70 14.34 -2.81
N ASP A 20 -19.43 13.97 -2.64
CA ASP A 20 -18.74 13.23 -3.70
C ASP A 20 -19.15 11.77 -3.69
N VAL A 21 -19.28 11.17 -2.50
CA VAL A 21 -19.76 9.78 -2.41
C VAL A 21 -21.11 9.70 -3.11
N LYS A 22 -22.02 10.61 -2.76
CA LYS A 22 -23.36 10.69 -3.37
C LYS A 22 -23.37 10.94 -4.88
N HIS A 23 -22.50 11.85 -5.34
CA HIS A 23 -22.37 12.10 -6.76
C HIS A 23 -22.00 10.76 -7.45
N VAL A 24 -20.98 10.11 -6.93
CA VAL A 24 -20.56 8.86 -7.55
C VAL A 24 -21.73 7.86 -7.55
N LEU A 25 -22.30 7.54 -6.40
CA LEU A 25 -23.38 6.51 -6.36
C LEU A 25 -24.61 6.91 -7.14
N MET A 26 -24.95 8.19 -7.19
CA MET A 26 -26.16 8.60 -7.94
C MET A 26 -25.92 8.58 -9.46
N ASN A 27 -24.65 8.51 -9.88
CA ASN A 27 -24.35 8.54 -11.33
C ASN A 27 -23.88 7.13 -11.80
N ASP A 28 -24.82 6.19 -11.69
CA ASP A 28 -24.67 4.81 -12.13
C ASP A 28 -24.21 4.63 -13.59
N LYS A 29 -24.68 5.46 -14.52
CA LYS A 29 -24.20 5.47 -15.91
C LYS A 29 -22.78 6.01 -16.14
N ILE A 30 -22.29 6.84 -15.24
CA ILE A 30 -20.92 7.31 -15.32
C ILE A 30 -20.04 6.33 -14.55
N PHE A 31 -20.50 5.92 -13.36
CA PHE A 31 -19.74 4.98 -12.53
C PHE A 31 -20.46 3.67 -12.47
N SER A 32 -19.93 2.71 -13.21
CA SER A 32 -20.52 1.41 -13.39
C SER A 32 -20.28 0.50 -12.21
N SER A 33 -21.02 -0.60 -12.12
CA SER A 33 -20.83 -1.57 -11.04
C SER A 33 -20.00 -2.84 -11.34
N ASN A 34 -19.55 -3.01 -12.58
CA ASN A 34 -18.62 -4.09 -12.92
C ASN A 34 -17.50 -3.61 -13.79
N PRO A 35 -16.30 -4.22 -13.69
CA PRO A 35 -15.04 -3.84 -14.41
C PRO A 35 -15.06 -3.72 -15.95
N GLY A 36 -13.88 -3.82 -16.55
CA GLY A 36 -13.75 -4.13 -17.97
C GLY A 36 -13.46 -5.61 -18.18
N ASN A 37 -13.18 -6.33 -17.08
CA ASN A 37 -12.80 -7.75 -17.10
C ASN A 37 -12.91 -8.50 -15.75
N ARG A 38 -11.78 -8.68 -15.06
CA ARG A 38 -11.68 -9.58 -13.89
C ARG A 38 -10.88 -9.00 -12.70
N TYR A 39 -11.55 -8.83 -11.55
CA TYR A 39 -10.92 -8.31 -10.32
C TYR A 39 -11.64 -8.79 -9.03
N SER A 40 -12.89 -9.22 -9.17
CA SER A 40 -13.69 -9.88 -8.12
C SER A 40 -13.26 -9.59 -6.68
N GLY A 44 -18.76 -10.03 -5.24
CA GLY A 44 -19.97 -9.44 -5.85
C GLY A 44 -20.55 -10.39 -6.89
N ILE A 45 -21.76 -10.91 -6.65
CA ILE A 45 -22.48 -11.76 -7.61
C ILE A 45 -23.92 -11.29 -7.88
N SER A 46 -24.57 -11.90 -8.87
CA SER A 46 -25.93 -11.54 -9.26
C SER A 46 -26.08 -10.06 -9.60
N PHE A 47 -27.20 -9.45 -9.21
CA PHE A 47 -27.54 -8.16 -9.75
C PHE A 47 -26.80 -6.99 -9.13
N ILE A 48 -26.06 -7.21 -8.06
CA ILE A 48 -25.21 -6.16 -7.49
C ILE A 48 -24.14 -5.67 -8.45
N THR A 49 -23.67 -6.53 -9.35
CA THR A 49 -22.59 -6.14 -10.23
C THR A 49 -23.11 -5.81 -11.63
N MET A 50 -24.41 -5.53 -11.76
CA MET A 50 -25.02 -5.25 -13.06
C MET A 50 -25.40 -3.80 -13.23
N ASP A 51 -25.28 -3.30 -14.44
CA ASP A 51 -25.62 -1.94 -14.72
C ASP A 51 -27.05 -1.74 -15.07
N ASN A 52 -27.40 -0.47 -15.03
CA ASN A 52 -28.74 -0.03 -14.76
C ASN A 52 -29.88 -0.75 -15.35
N PRO A 53 -29.83 -1.04 -16.69
CA PRO A 53 -30.95 -1.70 -17.41
C PRO A 53 -31.14 -3.22 -17.06
N GLU A 54 -30.23 -4.08 -17.47
CA GLU A 54 -30.25 -5.46 -16.96
C GLU A 54 -30.45 -5.59 -15.43
N HIS A 55 -29.93 -4.62 -14.66
CA HIS A 55 -30.01 -4.69 -13.20
C HIS A 55 -31.46 -4.52 -12.69
N LYS A 56 -32.25 -3.69 -13.37
CA LYS A 56 -33.61 -3.35 -12.90
C LYS A 56 -34.52 -4.54 -13.11
N GLU A 57 -34.30 -5.20 -14.25
CA GLU A 57 -34.99 -6.42 -14.59
C GLU A 57 -34.79 -7.43 -13.47
N PHE A 58 -33.54 -7.61 -13.06
CA PHE A 58 -33.24 -8.53 -11.95
C PHE A 58 -33.83 -8.04 -10.63
N ARG A 59 -33.56 -6.81 -10.22
CA ARG A 59 -34.08 -6.34 -8.92
C ARG A 59 -35.63 -6.37 -8.78
N ASP A 60 -36.37 -6.11 -9.87
CA ASP A 60 -37.86 -6.09 -9.83
C ASP A 60 -38.51 -7.43 -9.41
N ILE A 61 -37.85 -8.53 -9.76
CA ILE A 61 -38.33 -9.85 -9.39
C ILE A 61 -38.61 -9.92 -7.90
N SER A 62 -37.77 -9.31 -7.05
CA SER A 62 -37.96 -9.43 -5.61
C SER A 62 -38.32 -8.12 -4.89
N ALA A 63 -38.07 -6.99 -5.57
CA ALA A 63 -38.40 -5.67 -5.04
C ALA A 63 -39.75 -5.61 -4.31
N PRO A 64 -40.87 -5.97 -4.97
CA PRO A 64 -42.15 -5.88 -4.22
C PRO A 64 -42.16 -6.59 -2.86
N TYR A 65 -41.41 -7.68 -2.71
CA TYR A 65 -41.46 -8.41 -1.45
C TYR A 65 -40.57 -7.80 -0.36
N PHE A 66 -39.74 -6.84 -0.73
CA PHE A 66 -38.94 -6.08 0.22
C PHE A 66 -39.45 -4.70 0.60
N LEU A 67 -40.55 -4.26 0.03
CA LEU A 67 -41.21 -3.01 0.47
C LEU A 67 -41.54 -3.07 1.97
N PRO A 68 -41.41 -1.93 2.68
CA PRO A 68 -41.62 -1.95 4.11
C PRO A 68 -42.98 -2.50 4.41
N SER A 69 -43.85 -2.45 3.41
CA SER A 69 -45.18 -2.98 3.51
C SER A 69 -45.16 -4.50 3.62
N LYS A 70 -44.48 -5.17 2.69
CA LYS A 70 -44.55 -6.62 2.65
C LYS A 70 -43.74 -7.23 3.80
N ILE A 71 -42.54 -6.69 4.00
CA ILE A 71 -41.64 -7.01 5.12
C ILE A 71 -42.32 -7.06 6.47
N ASN A 72 -43.11 -6.03 6.75
CA ASN A 72 -43.90 -5.98 7.99
C ASN A 72 -44.75 -7.20 8.34
N ASP A 73 -45.22 -7.95 7.34
CA ASP A 73 -45.86 -9.24 7.63
C ASP A 73 -44.93 -10.19 8.41
N TYR A 74 -43.63 -9.91 8.43
CA TYR A 74 -42.67 -10.73 9.17
C TYR A 74 -42.41 -10.25 10.60
N LYS A 75 -43.07 -9.19 11.03
CA LYS A 75 -42.83 -8.66 12.38
C LYS A 75 -43.00 -9.71 13.52
N ASP A 76 -44.13 -10.42 13.56
CA ASP A 76 -44.32 -11.35 14.67
C ASP A 76 -43.28 -12.50 14.65
N PHE A 77 -42.99 -12.99 13.45
CA PHE A 77 -41.94 -13.98 13.32
C PHE A 77 -40.58 -13.47 13.83
N ILE A 78 -40.23 -12.22 13.56
CA ILE A 78 -38.94 -11.69 14.01
C ILE A 78 -38.92 -11.49 15.52
N GLU A 79 -40.01 -10.98 16.07
CA GLU A 79 -40.20 -10.92 17.52
C GLU A 79 -40.09 -12.28 18.18
N GLU A 80 -40.83 -13.26 17.70
CA GLU A 80 -40.72 -14.64 18.19
C GLU A 80 -39.27 -15.09 18.12
N THR A 81 -38.65 -14.98 16.96
CA THR A 81 -37.27 -15.44 16.83
C THR A 81 -36.31 -14.72 17.80
N SER A 82 -36.40 -13.39 17.81
CA SER A 82 -35.47 -12.61 18.59
C SER A 82 -35.63 -13.01 20.05
N ASN A 83 -36.88 -13.25 20.47
CA ASN A 83 -37.12 -13.56 21.85
C ASN A 83 -36.57 -14.91 22.21
N ASP A 84 -36.76 -15.89 21.34
CA ASP A 84 -36.22 -17.24 21.55
C ASP A 84 -34.70 -17.25 21.82
N LEU A 85 -33.95 -16.44 21.06
CA LEU A 85 -32.49 -16.39 21.14
C LEU A 85 -31.91 -15.52 22.24
N ILE A 86 -32.63 -14.47 22.62
CA ILE A 86 -32.20 -13.56 23.68
C ILE A 86 -32.50 -14.15 25.09
N LYS A 87 -33.46 -15.10 25.17
CA LYS A 87 -33.98 -15.66 26.43
C LYS A 87 -32.93 -16.00 27.46
N ASN A 88 -31.82 -16.49 26.95
CA ASN A 88 -30.88 -17.26 27.74
C ASN A 88 -29.52 -17.06 27.14
N ILE A 89 -29.15 -15.79 27.00
CA ILE A 89 -27.97 -15.47 26.28
C ILE A 89 -26.94 -15.05 27.29
N ASP A 90 -27.40 -14.64 28.46
CA ASP A 90 -26.53 -14.12 29.47
C ASP A 90 -25.21 -14.88 29.54
N ASN A 91 -24.12 -14.11 29.66
CA ASN A 91 -22.77 -14.66 29.84
C ASN A 91 -22.14 -15.20 28.60
N LYS A 92 -22.89 -15.23 27.51
CA LYS A 92 -22.44 -15.83 26.25
C LYS A 92 -22.00 -14.79 25.28
N ASP A 93 -21.44 -15.26 24.16
CA ASP A 93 -21.03 -14.42 23.06
C ASP A 93 -22.25 -13.93 22.34
N ILE A 94 -22.50 -12.62 22.41
CA ILE A 94 -23.72 -12.05 21.86
C ILE A 94 -23.74 -12.10 20.33
N ILE A 95 -22.54 -12.07 19.74
CA ILE A 95 -22.42 -12.14 18.30
C ILE A 95 -22.78 -13.57 17.84
N SER A 96 -22.05 -14.58 18.26
CA SER A 96 -22.37 -15.86 17.68
C SER A 96 -23.69 -16.50 18.13
N GLU A 97 -24.21 -16.11 19.28
CA GLU A 97 -25.41 -16.73 19.86
C GLU A 97 -26.66 -15.89 19.68
N TYR A 98 -26.52 -14.63 19.30
CA TYR A 98 -27.69 -13.86 19.05
C TYR A 98 -27.57 -13.14 17.72
N ALA A 99 -26.52 -12.34 17.56
CA ALA A 99 -26.46 -11.46 16.40
C ALA A 99 -26.25 -12.17 15.03
N VAL A 100 -25.51 -13.28 14.97
CA VAL A 100 -25.40 -14.10 13.74
C VAL A 100 -26.66 -14.93 13.49
N ARG A 101 -27.32 -15.39 14.55
CA ARG A 101 -28.38 -16.39 14.36
C ARG A 101 -29.69 -15.76 13.91
N LEU A 102 -29.88 -14.51 14.29
CA LEU A 102 -31.13 -13.82 14.08
C LEU A 102 -31.35 -13.61 12.58
N PRO A 103 -30.46 -12.89 11.90
CA PRO A 103 -30.63 -12.63 10.45
C PRO A 103 -30.67 -13.91 9.61
N VAL A 104 -29.97 -14.96 10.02
CA VAL A 104 -30.03 -16.19 9.27
C VAL A 104 -31.36 -16.93 9.40
N ASN A 105 -32.03 -16.82 10.55
CA ASN A 105 -33.39 -17.39 10.69
C ASN A 105 -34.41 -16.61 9.87
N ILE A 106 -34.29 -15.29 9.87
CA ILE A 106 -35.29 -14.44 9.26
C ILE A 106 -35.21 -14.64 7.75
N ILE A 107 -33.98 -14.66 7.24
CA ILE A 107 -33.80 -14.77 5.82
C ILE A 107 -34.22 -16.14 5.29
N SER A 108 -33.98 -17.22 6.04
CA SER A 108 -34.52 -18.48 5.58
C SER A 108 -36.06 -18.49 5.53
N LYS A 109 -36.71 -17.72 6.42
CA LYS A 109 -38.18 -17.69 6.40
C LYS A 109 -38.66 -16.99 5.16
N ILE A 110 -38.09 -15.81 4.90
CA ILE A 110 -38.37 -15.05 3.71
C ILE A 110 -38.03 -15.87 2.47
N LEU A 111 -36.89 -16.55 2.44
CA LEU A 111 -36.57 -17.35 1.24
C LEU A 111 -37.61 -18.44 0.96
N GLY A 112 -38.15 -19.02 2.02
CA GLY A 112 -39.00 -20.22 1.94
C GLY A 112 -38.26 -21.53 2.24
N ILE A 113 -37.12 -21.49 2.94
CA ILE A 113 -36.41 -22.71 3.22
C ILE A 113 -37.28 -23.51 4.19
N PRO A 114 -37.62 -24.77 3.84
CA PRO A 114 -38.37 -25.64 4.73
C PRO A 114 -37.75 -25.83 6.12
N ASP A 115 -38.63 -26.01 7.10
CA ASP A 115 -38.26 -26.40 8.46
C ASP A 115 -37.19 -27.49 8.48
N SER A 116 -37.50 -28.62 7.83
CA SER A 116 -36.59 -29.78 7.82
C SER A 116 -35.21 -29.55 7.15
N ASP A 117 -34.98 -28.36 6.59
CA ASP A 117 -33.74 -28.06 5.88
C ASP A 117 -32.96 -26.99 6.57
N MET A 118 -33.54 -26.53 7.67
CA MET A 118 -33.01 -25.44 8.46
C MET A 118 -31.59 -25.72 8.98
N PRO A 119 -31.34 -26.89 9.61
CA PRO A 119 -29.95 -27.11 10.04
C PRO A 119 -28.89 -27.00 8.93
N LEU A 120 -29.16 -27.58 7.77
CA LEU A 120 -28.21 -27.55 6.68
C LEU A 120 -28.11 -26.16 6.07
N PHE A 121 -29.25 -25.48 5.93
CA PHE A 121 -29.23 -24.11 5.44
C PHE A 121 -28.35 -23.21 6.31
N LYS A 122 -28.40 -23.40 7.62
CA LYS A 122 -27.60 -22.56 8.50
C LYS A 122 -26.09 -22.88 8.36
N LEU A 123 -25.73 -24.14 8.21
CA LEU A 123 -24.34 -24.50 7.97
C LEU A 123 -23.86 -23.92 6.64
N TRP A 124 -24.63 -24.13 5.58
CA TRP A 124 -24.30 -23.56 4.29
C TRP A 124 -24.20 -22.06 4.37
N SER A 125 -25.22 -21.42 4.92
CA SER A 125 -25.16 -19.98 5.15
C SER A 125 -23.82 -19.50 5.85
N ASP A 126 -23.42 -20.15 6.94
CA ASP A 126 -22.13 -19.85 7.56
C ASP A 126 -20.92 -19.95 6.63
N TYR A 127 -20.81 -21.05 5.90
CA TYR A 127 -19.74 -21.15 4.91
C TYR A 127 -19.73 -20.02 3.89
N ILE A 128 -20.91 -19.57 3.50
CA ILE A 128 -21.08 -18.83 2.25
C ILE A 128 -20.90 -17.34 2.52
N ILE A 129 -21.38 -16.89 3.68
CA ILE A 129 -21.16 -15.53 4.12
C ILE A 129 -19.72 -15.41 4.63
N GLY A 130 -19.06 -16.55 4.82
CA GLY A 130 -17.67 -16.57 5.29
C GLY A 130 -17.41 -16.81 6.77
N ASN A 131 -18.46 -16.92 7.59
CA ASN A 131 -18.35 -17.24 9.03
C ASN A 131 -17.68 -18.60 9.35
N LYS A 132 -17.58 -19.47 8.33
CA LYS A 132 -16.93 -20.80 8.42
C LYS A 132 -16.06 -21.06 7.18
N ARG A 133 -15.04 -21.92 7.36
CA ARG A 133 -14.15 -22.36 6.26
C ARG A 133 -13.57 -23.71 6.66
N ASP A 134 -13.64 -24.69 5.76
CA ASP A 134 -13.35 -26.10 6.10
C ASP A 134 -13.10 -26.96 4.89
N GLU A 135 -12.76 -28.22 5.17
CA GLU A 135 -12.85 -29.30 4.21
C GLU A 135 -14.31 -29.54 3.80
N ASN A 136 -15.17 -29.59 4.83
CA ASN A 136 -16.60 -29.78 4.68
C ASN A 136 -17.32 -28.81 3.71
N PHE A 137 -16.63 -27.78 3.23
CA PHE A 137 -17.33 -26.79 2.44
C PHE A 137 -17.96 -27.47 1.21
N ASN A 138 -17.12 -28.01 0.36
CA ASN A 138 -17.54 -28.68 -0.85
C ASN A 138 -18.73 -29.62 -0.59
N TYR A 139 -18.61 -30.43 0.45
CA TYR A 139 -19.66 -31.35 0.82
C TYR A 139 -20.96 -30.63 1.14
N VAL A 140 -20.89 -29.59 1.96
CA VAL A 140 -22.06 -28.94 2.45
C VAL A 140 -22.75 -28.13 1.34
N ASN A 141 -21.95 -27.44 0.54
CA ASN A 141 -22.46 -26.74 -0.63
C ASN A 141 -23.14 -27.71 -1.59
N ASN A 142 -22.64 -28.93 -1.69
CA ASN A 142 -23.20 -29.81 -2.69
C ASN A 142 -24.52 -30.31 -2.17
N ARG A 143 -24.56 -30.55 -0.87
CA ARG A 143 -25.75 -30.97 -0.20
C ARG A 143 -26.80 -29.88 -0.24
N MET A 144 -26.45 -28.63 0.05
CA MET A 144 -27.45 -27.58 0.06
C MET A 144 -28.05 -27.31 -1.31
N VAL A 145 -27.21 -27.32 -2.35
CA VAL A 145 -27.60 -27.02 -3.71
C VAL A 145 -28.52 -28.11 -4.19
N SER A 146 -28.17 -29.32 -3.87
CA SER A 146 -29.09 -30.41 -4.11
C SER A 146 -30.50 -30.13 -3.50
N ARG A 147 -30.60 -29.84 -2.21
CA ARG A 147 -31.90 -29.50 -1.60
C ARG A 147 -32.56 -28.32 -2.30
N LEU A 148 -31.76 -27.31 -2.63
CA LEU A 148 -32.28 -26.12 -3.30
C LEU A 148 -33.08 -26.45 -4.55
N LEU A 149 -32.58 -27.39 -5.33
CA LEU A 149 -33.20 -27.76 -6.57
C LEU A 149 -34.54 -28.44 -6.31
N GLU A 150 -34.61 -29.25 -5.26
CA GLU A 150 -35.87 -29.84 -4.85
C GLU A 150 -36.88 -28.76 -4.43
N ILE A 151 -36.43 -27.76 -3.70
CA ILE A 151 -37.34 -26.74 -3.21
C ILE A 151 -37.90 -25.92 -4.36
N PHE A 152 -37.02 -25.49 -5.26
CA PHE A 152 -37.44 -24.77 -6.45
C PHE A 152 -38.60 -25.44 -7.19
N LYS A 153 -38.74 -26.75 -7.06
CA LYS A 153 -39.77 -27.45 -7.81
C LYS A 153 -41.03 -27.78 -7.01
N SER A 154 -40.95 -27.72 -5.70
CA SER A 154 -42.16 -27.69 -4.87
C SER A 154 -42.72 -26.27 -4.94
N ASP A 155 -43.36 -25.78 -3.87
CA ASP A 155 -43.81 -24.37 -3.81
C ASP A 155 -44.00 -23.81 -2.39
N SER A 156 -43.75 -22.51 -2.21
CA SER A 156 -44.26 -21.78 -1.05
C SER A 156 -44.69 -20.36 -1.41
N HIS A 157 -44.72 -19.44 -0.45
CA HIS A 157 -45.02 -18.04 -0.79
C HIS A 157 -43.75 -17.19 -0.82
N GLY A 158 -42.67 -17.75 -0.23
CA GLY A 158 -41.37 -17.06 -0.14
C GLY A 158 -40.67 -16.76 -1.46
N ILE A 159 -39.46 -16.18 -1.36
CA ILE A 159 -38.69 -15.78 -2.56
C ILE A 159 -38.29 -16.93 -3.46
N ILE A 160 -37.87 -18.05 -2.90
CA ILE A 160 -37.55 -19.20 -3.73
C ILE A 160 -38.68 -19.44 -4.70
N ASN A 161 -39.91 -19.51 -4.19
CA ASN A 161 -41.07 -19.75 -5.05
C ASN A 161 -41.30 -18.65 -6.10
N VAL A 162 -40.89 -17.44 -5.77
CA VAL A 162 -41.08 -16.30 -6.64
C VAL A 162 -40.03 -16.34 -7.73
N LEU A 163 -38.83 -16.79 -7.37
CA LEU A 163 -37.73 -16.89 -8.33
C LEU A 163 -38.02 -18.02 -9.30
N ALA A 164 -38.80 -19.00 -8.85
CA ALA A 164 -39.19 -20.12 -9.70
C ALA A 164 -40.13 -19.67 -10.82
N GLY A 165 -41.10 -18.83 -10.47
CA GLY A 165 -42.13 -18.41 -11.42
C GLY A 165 -41.74 -17.15 -12.17
N SER A 166 -40.47 -16.77 -12.05
CA SER A 166 -39.98 -15.51 -12.57
C SER A 166 -39.26 -15.60 -13.92
N SER A 167 -39.35 -14.50 -14.63
CA SER A 167 -38.53 -14.22 -15.79
C SER A 167 -38.33 -12.72 -15.68
N LEU A 168 -37.56 -12.15 -16.59
CA LEU A 168 -37.75 -10.73 -16.83
C LEU A 168 -37.37 -10.36 -18.25
N LYS A 169 -38.32 -9.75 -18.96
CA LYS A 169 -38.16 -9.21 -20.31
C LYS A 169 -37.63 -10.24 -21.31
N ASN A 170 -38.54 -10.94 -21.96
CA ASN A 170 -38.21 -11.83 -23.09
C ASN A 170 -37.06 -12.82 -22.81
N ARG A 171 -37.12 -13.49 -21.64
CA ARG A 171 -36.10 -14.48 -21.24
C ARG A 171 -36.30 -15.02 -19.83
N LYS A 172 -36.28 -16.35 -19.72
CA LYS A 172 -36.38 -17.09 -18.45
C LYS A 172 -35.10 -16.94 -17.63
N LEU A 173 -35.23 -16.99 -16.31
CA LEU A 173 -34.05 -17.05 -15.45
C LEU A 173 -33.38 -18.42 -15.50
N THR A 174 -32.06 -18.36 -15.67
CA THR A 174 -31.17 -19.49 -15.51
C THR A 174 -31.18 -20.05 -14.06
N MET A 175 -30.79 -21.30 -13.89
CA MET A 175 -30.75 -21.91 -12.58
C MET A 175 -29.52 -21.41 -11.82
N ASP A 176 -28.47 -21.04 -12.53
CA ASP A 176 -27.31 -20.41 -11.89
C ASP A 176 -27.66 -18.99 -11.41
N GLU A 177 -28.62 -18.38 -12.08
CA GLU A 177 -29.05 -17.05 -11.72
C GLU A 177 -29.95 -17.12 -10.52
N LYS A 178 -30.80 -18.15 -10.46
CA LYS A 178 -31.66 -18.31 -9.32
C LYS A 178 -30.82 -18.55 -8.06
N ILE A 179 -29.81 -19.42 -8.13
CA ILE A 179 -28.99 -19.70 -6.93
C ILE A 179 -28.24 -18.45 -6.51
N LYS A 180 -27.59 -17.80 -7.49
CA LYS A 180 -26.79 -16.63 -7.16
C LYS A 180 -27.67 -15.54 -6.56
N TYR A 181 -28.91 -15.43 -7.03
CA TYR A 181 -29.88 -14.42 -6.53
C TYR A 181 -30.09 -14.62 -5.04
N ILE A 182 -30.40 -15.85 -4.68
CA ILE A 182 -30.55 -16.26 -3.28
C ILE A 182 -29.26 -16.06 -2.53
N MET A 183 -28.14 -16.47 -3.11
CA MET A 183 -26.85 -16.20 -2.48
C MET A 183 -26.62 -14.73 -2.18
N LEU A 184 -27.00 -13.85 -3.10
CA LEU A 184 -26.82 -12.42 -2.88
C LEU A 184 -27.69 -11.95 -1.77
N LEU A 185 -28.91 -12.42 -1.67
CA LEU A 185 -29.73 -12.07 -0.48
C LEU A 185 -29.16 -12.53 0.86
N ILE A 186 -28.51 -13.68 0.87
CA ILE A 186 -28.06 -14.23 2.13
C ILE A 186 -26.81 -13.47 2.52
N ILE A 187 -25.95 -13.20 1.55
CA ILE A 187 -24.66 -12.64 1.86
C ILE A 187 -24.81 -11.19 2.21
N GLY A 188 -25.69 -10.47 1.52
CA GLY A 188 -25.82 -9.04 1.80
C GLY A 188 -26.63 -8.72 3.02
N GLY A 189 -27.40 -9.66 3.54
CA GLY A 189 -28.17 -9.33 4.72
C GLY A 189 -27.67 -9.85 6.08
N ASN A 190 -26.79 -10.87 6.06
CA ASN A 190 -26.37 -11.51 7.30
C ASN A 190 -25.30 -10.71 8.05
N GLU A 191 -24.05 -10.68 7.57
CA GLU A 191 -22.97 -10.02 8.30
C GLU A 191 -23.29 -8.58 8.60
N THR A 192 -23.91 -7.88 7.66
CA THR A 192 -24.20 -6.50 7.90
C THR A 192 -25.16 -6.31 9.07
N THR A 193 -26.23 -7.09 9.15
CA THR A 193 -27.18 -7.02 10.27
C THR A 193 -26.52 -7.45 11.57
N THR A 194 -25.57 -8.40 11.49
CA THR A 194 -24.94 -8.90 12.68
C THR A 194 -24.05 -7.77 13.17
N ASN A 195 -23.38 -7.13 12.23
CA ASN A 195 -22.44 -6.05 12.61
C ASN A 195 -23.19 -4.87 13.24
N LEU A 196 -24.35 -4.53 12.73
CA LEU A 196 -25.18 -3.43 13.26
C LEU A 196 -25.63 -3.68 14.67
N ILE A 197 -26.07 -4.91 14.93
CA ILE A 197 -26.54 -5.27 16.24
C ILE A 197 -25.42 -5.05 17.26
N GLY A 198 -24.20 -5.50 16.94
CA GLY A 198 -23.04 -5.28 17.81
C GLY A 198 -22.71 -3.80 17.87
N ASN A 199 -22.89 -3.05 16.77
CA ASN A 199 -22.59 -1.65 16.83
C ASN A 199 -23.64 -0.86 17.68
N MET A 200 -24.91 -1.27 17.69
CA MET A 200 -25.88 -0.62 18.60
C MET A 200 -25.53 -0.91 20.06
N ILE A 201 -24.90 -2.05 20.31
CA ILE A 201 -24.60 -2.40 21.70
C ILE A 201 -23.43 -1.50 22.08
N ARG A 202 -22.50 -1.31 21.15
CA ARG A 202 -21.43 -0.37 21.39
C ARG A 202 -21.91 1.10 21.66
N VAL A 203 -22.92 1.56 20.94
CA VAL A 203 -23.37 2.92 21.26
C VAL A 203 -23.85 2.93 22.72
N ILE A 204 -24.68 1.94 23.07
CA ILE A 204 -25.23 1.90 24.42
C ILE A 204 -24.12 1.89 25.49
N ASP A 205 -23.18 0.95 25.36
CA ASP A 205 -21.95 0.91 26.16
C ASP A 205 -21.29 2.28 26.29
N GLU A 206 -21.24 3.04 25.19
CA GLU A 206 -20.48 4.31 25.21
C GLU A 206 -21.33 5.49 25.68
N ASN A 207 -22.64 5.34 25.65
CA ASN A 207 -23.53 6.44 26.00
C ASN A 207 -24.62 5.92 26.89
N PRO A 208 -24.26 5.56 28.13
CA PRO A 208 -25.28 4.88 28.94
C PRO A 208 -26.57 5.66 29.28
N ASP A 209 -26.65 6.97 29.14
CA ASP A 209 -27.97 7.49 29.46
C ASP A 209 -28.84 7.74 28.22
N ILE A 210 -28.39 7.19 27.10
CA ILE A 210 -29.11 7.27 25.82
C ILE A 210 -30.30 6.32 25.86
N ILE A 211 -30.32 5.44 26.84
CA ILE A 211 -31.19 4.28 26.83
C ILE A 211 -32.68 4.64 26.73
N ASP A 212 -33.16 5.51 27.61
CA ASP A 212 -34.52 6.01 27.58
C ASP A 212 -34.85 6.59 26.21
N ASP A 213 -34.00 7.44 25.65
CA ASP A 213 -34.36 7.99 24.36
C ASP A 213 -34.41 6.90 23.30
N ALA A 214 -33.52 5.93 23.37
CA ALA A 214 -33.50 4.82 22.41
C ALA A 214 -34.84 4.07 22.46
N LEU A 215 -35.38 3.88 23.66
CA LEU A 215 -36.64 3.17 23.83
C LEU A 215 -37.81 3.92 23.24
N LYS A 216 -37.76 5.26 23.28
CA LYS A 216 -38.84 6.08 22.85
C LYS A 216 -38.80 6.30 21.35
N ASN A 217 -37.66 5.99 20.74
CA ASN A 217 -37.53 6.09 19.30
C ASN A 217 -36.52 5.10 18.79
N ARG A 218 -36.92 3.85 18.70
CA ARG A 218 -36.04 2.80 18.20
C ARG A 218 -35.52 3.08 16.79
N SER A 219 -36.44 3.40 15.87
CA SER A 219 -36.06 3.76 14.51
C SER A 219 -34.96 4.77 14.46
N GLY A 220 -35.15 5.86 15.20
CA GLY A 220 -34.20 6.94 15.26
C GLY A 220 -32.85 6.50 15.75
N PHE A 221 -32.82 5.64 16.77
CA PHE A 221 -31.56 5.10 17.29
C PHE A 221 -30.86 4.23 16.23
N VAL A 222 -31.64 3.48 15.48
CA VAL A 222 -31.09 2.56 14.48
C VAL A 222 -30.50 3.41 13.37
N GLU A 223 -31.23 4.47 12.96
CA GLU A 223 -30.73 5.36 11.93
C GLU A 223 -29.40 5.99 12.37
N GLU A 224 -29.31 6.46 13.62
CA GLU A 224 -28.08 7.15 13.99
C GLU A 224 -26.93 6.16 14.16
N THR A 225 -27.22 4.90 14.50
CA THR A 225 -26.12 3.94 14.53
C THR A 225 -25.55 3.73 13.12
N LEU A 226 -26.44 3.65 12.14
CA LEU A 226 -26.10 3.36 10.73
C LEU A 226 -25.15 4.44 10.26
N ARG A 227 -25.51 5.65 10.63
CA ARG A 227 -24.67 6.78 10.32
C ARG A 227 -23.33 6.73 11.06
N TYR A 228 -23.38 6.35 12.33
CA TYR A 228 -22.27 6.65 13.18
C TYR A 228 -21.23 5.52 13.22
N TYR A 229 -21.70 4.27 13.23
CA TYR A 229 -20.85 3.07 13.14
C TYR A 229 -21.33 2.19 11.94
N SER A 230 -21.05 2.66 10.72
CA SER A 230 -21.63 2.09 9.52
C SER A 230 -21.10 0.69 9.32
N PRO A 231 -22.00 -0.32 9.24
CA PRO A 231 -21.53 -1.72 9.10
C PRO A 231 -20.58 -1.88 7.91
N ILE A 232 -20.91 -1.21 6.83
CA ILE A 232 -20.05 -1.20 5.64
C ILE A 232 -19.32 0.14 5.51
N GLN A 233 -17.99 0.08 5.55
CA GLN A 233 -17.18 1.29 5.59
C GLN A 233 -16.87 1.88 4.24
N PHE A 234 -16.68 1.01 3.23
CA PHE A 234 -16.49 1.46 1.85
C PHE A 234 -17.00 0.44 0.83
N LEU A 235 -17.25 0.92 -0.39
CA LEU A 235 -17.67 0.08 -1.52
C LEU A 235 -16.53 0.20 -2.51
N PRO A 236 -15.77 -0.87 -2.74
CA PRO A 236 -14.61 -0.77 -3.66
C PRO A 236 -14.92 -0.87 -5.15
N HIS A 237 -16.11 -1.33 -5.52
CA HIS A 237 -16.29 -1.68 -6.94
C HIS A 237 -17.14 -0.68 -7.71
N ARG A 238 -16.53 0.41 -8.16
CA ARG A 238 -17.13 1.31 -9.16
C ARG A 238 -16.06 1.58 -10.16
N PHE A 239 -16.44 1.72 -11.41
CA PHE A 239 -15.47 1.97 -12.43
C PHE A 239 -16.07 3.00 -13.33
N ALA A 240 -15.24 3.93 -13.73
CA ALA A 240 -15.67 4.96 -14.60
C ALA A 240 -15.95 4.37 -15.99
N ALA A 241 -17.19 4.51 -16.45
CA ALA A 241 -17.60 4.09 -17.80
C ALA A 241 -17.20 5.13 -18.81
N GLU A 242 -16.98 6.36 -18.36
CA GLU A 242 -16.49 7.44 -19.25
C GLU A 242 -15.76 8.46 -18.40
N ASP A 243 -14.89 9.23 -19.03
CA ASP A 243 -14.20 10.36 -18.40
C ASP A 243 -15.16 11.32 -17.74
N SER A 244 -14.77 11.85 -16.60
CA SER A 244 -15.55 12.89 -15.90
C SER A 244 -14.74 13.46 -14.76
N TYR A 245 -15.24 14.58 -14.23
CA TYR A 245 -14.50 15.40 -13.32
C TYR A 245 -15.13 15.43 -11.97
N ILE A 246 -14.31 15.30 -10.94
CA ILE A 246 -14.76 15.55 -9.59
C ILE A 246 -13.75 16.53 -9.01
N ASN A 247 -14.22 17.51 -8.24
CA ASN A 247 -13.32 18.51 -7.68
C ASN A 247 -12.20 18.81 -8.65
N ASN A 248 -12.59 19.06 -9.91
CA ASN A 248 -11.69 19.47 -11.00
C ASN A 248 -10.56 18.51 -11.42
N LYS A 249 -10.71 17.25 -11.02
CA LYS A 249 -9.83 16.14 -11.38
C LYS A 249 -10.55 15.33 -12.43
N LYS A 250 -9.86 14.98 -13.52
CA LYS A 250 -10.36 14.02 -14.49
C LYS A 250 -10.21 12.58 -13.99
N ILE A 251 -11.35 11.93 -13.72
CA ILE A 251 -11.43 10.48 -13.50
C ILE A 251 -11.58 9.84 -14.88
N LYS A 252 -10.53 9.16 -15.36
CA LYS A 252 -10.56 8.59 -16.71
C LYS A 252 -11.41 7.32 -16.78
N LYS A 253 -11.91 7.05 -17.98
CA LYS A 253 -12.58 5.79 -18.28
C LYS A 253 -11.69 4.60 -17.86
N GLY A 254 -12.25 3.68 -17.08
CA GLY A 254 -11.54 2.48 -16.61
C GLY A 254 -11.12 2.52 -15.15
N ASP A 255 -11.01 3.74 -14.60
CA ASP A 255 -10.47 3.98 -13.28
C ASP A 255 -11.40 3.41 -12.25
N GLN A 256 -10.84 2.65 -11.32
CA GLN A 256 -11.60 2.21 -10.18
C GLN A 256 -11.83 3.39 -9.21
N VAL A 257 -13.00 3.40 -8.60
CA VAL A 257 -13.44 4.48 -7.75
C VAL A 257 -13.97 3.90 -6.46
N ILE A 258 -13.26 4.14 -5.37
CA ILE A 258 -13.70 3.59 -4.09
C ILE A 258 -14.32 4.73 -3.23
N VAL A 259 -15.46 4.43 -2.68
CA VAL A 259 -16.33 5.39 -2.08
C VAL A 259 -16.49 4.98 -0.59
N TYR A 260 -16.21 5.92 0.33
CA TYR A 260 -16.16 5.65 1.74
C TYR A 260 -17.36 6.14 2.48
N LEU A 261 -18.25 5.23 2.85
CA LEU A 261 -19.57 5.55 3.42
C LEU A 261 -19.44 6.02 4.86
N GLY A 262 -18.57 5.34 5.60
CA GLY A 262 -18.41 5.67 6.98
C GLY A 262 -17.86 7.08 7.10
N SER A 263 -16.89 7.36 6.27
CA SER A 263 -16.26 8.65 6.25
C SER A 263 -17.23 9.75 5.79
N ALA A 264 -18.07 9.45 4.79
CA ALA A 264 -19.08 10.43 4.32
C ALA A 264 -20.11 10.74 5.40
N ASN A 265 -20.40 9.73 6.22
CA ASN A 265 -21.38 9.82 7.29
C ASN A 265 -20.88 10.65 8.48
N ARG A 266 -19.59 11.01 8.46
CA ARG A 266 -18.96 11.89 9.47
C ARG A 266 -18.60 13.29 8.91
N ASP A 267 -19.07 13.62 7.70
CA ASP A 267 -18.86 14.92 7.07
C ASP A 267 -19.62 16.08 7.77
N GLU A 268 -18.83 16.99 8.36
CA GLU A 268 -19.34 18.18 9.06
C GLU A 268 -20.15 19.12 8.20
N THR A 269 -19.97 19.04 6.89
CA THR A 269 -20.76 19.81 5.96
C THR A 269 -22.20 19.36 5.89
N PHE A 270 -22.49 18.11 6.21
CA PHE A 270 -23.86 17.62 6.16
C PHE A 270 -24.40 17.28 7.52
N PHE A 271 -23.54 17.04 8.47
CA PHE A 271 -24.04 16.72 9.79
C PHE A 271 -23.42 17.66 10.79
N ASP A 272 -24.25 18.36 11.54
CA ASP A 272 -23.73 19.20 12.63
C ASP A 272 -23.19 18.26 13.70
N GLU A 273 -21.96 18.49 14.13
CA GLU A 273 -21.33 17.71 15.16
C GLU A 273 -21.30 16.23 14.81
N PRO A 274 -20.62 15.91 13.71
CA PRO A 274 -20.55 14.54 13.15
C PRO A 274 -20.05 13.48 14.13
N ASP A 275 -19.10 13.81 15.00
CA ASP A 275 -18.59 12.80 15.94
C ASP A 275 -19.41 12.58 17.22
N LEU A 276 -20.61 13.14 17.26
CA LEU A 276 -21.52 12.87 18.34
C LEU A 276 -22.77 12.07 17.92
N PHE A 277 -23.27 11.26 18.81
CA PHE A 277 -24.47 10.50 18.59
C PHE A 277 -25.71 11.30 18.96
N LYS A 278 -26.47 11.68 17.95
CA LYS A 278 -27.70 12.45 18.17
C LYS A 278 -28.79 11.79 17.35
N ILE A 279 -29.77 11.23 18.05
CA ILE A 279 -30.99 10.71 17.46
C ILE A 279 -31.73 11.92 16.89
N GLY A 280 -32.35 11.74 15.72
CA GLY A 280 -33.26 12.73 15.13
C GLY A 280 -32.59 13.72 14.19
N ARG A 281 -31.46 13.35 13.61
CA ARG A 281 -30.82 14.16 12.57
C ARG A 281 -31.63 14.18 11.26
N ARG A 282 -31.45 15.26 10.50
CA ARG A 282 -32.32 15.61 9.36
C ARG A 282 -31.82 15.02 8.05
N GLU A 283 -30.50 14.98 7.91
CA GLU A 283 -29.92 14.59 6.64
C GLU A 283 -29.86 13.06 6.60
N MET A 284 -29.96 12.48 5.41
CA MET A 284 -29.89 11.07 5.21
C MET A 284 -28.41 10.62 5.28
N HIS A 285 -28.16 9.49 5.93
CA HIS A 285 -26.85 8.90 5.96
C HIS A 285 -26.76 8.03 4.68
N LEU A 286 -25.54 7.62 4.32
CA LEU A 286 -25.27 6.77 3.19
C LEU A 286 -24.84 5.34 3.58
N ALA A 287 -25.09 4.91 4.81
CA ALA A 287 -24.75 3.54 5.26
C ALA A 287 -25.32 2.47 4.34
N PHE A 288 -26.52 2.71 3.78
CA PHE A 288 -27.17 1.82 2.81
C PHE A 288 -26.87 2.23 1.33
N GLY A 289 -25.93 3.14 1.11
CA GLY A 289 -25.67 3.64 -0.28
C GLY A 289 -26.80 4.57 -0.74
N ILE A 290 -26.94 4.73 -2.05
CA ILE A 290 -27.99 5.57 -2.62
C ILE A 290 -28.00 5.39 -4.15
N GLY A 291 -29.11 5.74 -4.79
CA GLY A 291 -29.25 5.44 -6.19
C GLY A 291 -29.87 4.06 -6.46
N ILE A 292 -29.58 3.51 -7.63
CA ILE A 292 -30.31 2.38 -8.15
C ILE A 292 -29.87 1.14 -7.40
N HIS A 293 -28.72 1.19 -6.74
CA HIS A 293 -28.27 0.04 -5.95
C HIS A 293 -28.55 0.23 -4.46
N MET A 294 -29.27 1.31 -4.10
CA MET A 294 -29.61 1.46 -2.69
C MET A 294 -30.10 0.11 -2.12
N CYS A 295 -29.58 -0.28 -0.96
CA CYS A 295 -29.85 -1.57 -0.29
C CYS A 295 -31.28 -2.07 -0.44
N LEU A 296 -31.43 -3.19 -1.12
CA LEU A 296 -32.68 -3.86 -1.26
C LEU A 296 -33.23 -4.28 0.11
N GLY A 297 -32.37 -4.69 1.03
CA GLY A 297 -32.83 -5.15 2.35
C GLY A 297 -32.97 -4.09 3.46
N ALA A 298 -32.88 -2.81 3.10
CA ALA A 298 -32.94 -1.76 4.11
C ALA A 298 -34.18 -1.81 5.02
N PRO A 299 -35.42 -1.92 4.48
CA PRO A 299 -36.59 -2.13 5.36
C PRO A 299 -36.51 -3.36 6.23
N LEU A 300 -35.99 -4.47 5.73
CA LEU A 300 -35.88 -5.66 6.55
C LEU A 300 -34.86 -5.40 7.64
N ALA A 301 -33.69 -4.84 7.27
CA ALA A 301 -32.61 -4.53 8.24
C ALA A 301 -33.11 -3.56 9.31
N ARG A 302 -33.84 -2.54 8.90
CA ARG A 302 -34.41 -1.57 9.84
C ARG A 302 -35.29 -2.25 10.84
N LEU A 303 -36.15 -3.16 10.37
CA LEU A 303 -37.10 -3.81 11.26
C LEU A 303 -36.40 -4.80 12.20
N GLU A 304 -35.40 -5.53 11.72
CA GLU A 304 -34.63 -6.43 12.56
C GLU A 304 -33.84 -5.72 13.64
N ALA A 305 -33.17 -4.64 13.29
CA ALA A 305 -32.39 -3.90 14.27
C ALA A 305 -33.33 -3.32 15.34
N SER A 306 -34.45 -2.79 14.88
CA SER A 306 -35.38 -2.17 15.80
C SER A 306 -35.89 -3.16 16.89
N ILE A 307 -36.16 -4.40 16.47
CA ILE A 307 -36.66 -5.36 17.43
C ILE A 307 -35.47 -5.81 18.29
N ALA A 308 -34.30 -5.98 17.65
CA ALA A 308 -33.08 -6.38 18.39
C ALA A 308 -32.76 -5.39 19.48
N LEU A 309 -32.73 -4.11 19.15
CA LEU A 309 -32.61 -3.05 20.16
C LEU A 309 -33.66 -3.20 21.26
N ASN A 310 -34.93 -3.23 20.90
CA ASN A 310 -35.89 -3.38 21.94
C ASN A 310 -35.63 -4.59 22.86
N ASP A 311 -35.43 -5.74 22.25
CA ASP A 311 -35.16 -6.93 23.03
C ASP A 311 -33.88 -6.86 23.86
N ILE A 312 -32.82 -6.24 23.32
CA ILE A 312 -31.58 -6.19 24.08
C ILE A 312 -31.81 -5.23 25.20
N LEU A 313 -32.44 -4.12 24.93
CA LEU A 313 -32.62 -3.16 26.01
C LEU A 313 -33.51 -3.66 27.12
N ASN A 314 -34.52 -4.50 26.83
CA ASN A 314 -35.41 -5.00 27.89
C ASN A 314 -34.86 -6.23 28.64
N HIS A 315 -33.84 -6.86 28.09
CA HIS A 315 -33.27 -8.04 28.71
C HIS A 315 -32.17 -7.70 29.71
N PHE A 316 -31.33 -6.71 29.40
CA PHE A 316 -30.25 -6.31 30.32
C PHE A 316 -30.58 -5.01 31.12
N LYS A 317 -30.16 -4.92 32.36
CA LYS A 317 -30.34 -3.68 33.14
C LYS A 317 -29.15 -2.74 32.90
N ARG A 318 -27.96 -3.34 32.79
CA ARG A 318 -26.72 -2.63 32.64
C ARG A 318 -26.04 -3.25 31.42
N ILE A 319 -25.49 -2.41 30.55
CA ILE A 319 -24.81 -2.86 29.35
C ILE A 319 -23.38 -2.29 29.27
N LYS A 320 -22.40 -3.03 29.81
CA LYS A 320 -20.96 -2.74 29.64
C LYS A 320 -20.33 -3.82 28.78
N ILE A 321 -19.57 -3.43 27.78
CA ILE A 321 -18.90 -4.41 26.95
C ILE A 321 -17.65 -4.86 27.67
N ASP A 322 -17.42 -6.16 27.79
CA ASP A 322 -16.17 -6.61 28.42
C ASP A 322 -15.03 -6.64 27.41
N TYR A 323 -14.15 -5.67 27.47
CA TYR A 323 -13.10 -5.54 26.46
C TYR A 323 -11.88 -6.44 26.61
N LYS A 324 -11.81 -7.18 27.72
CA LYS A 324 -10.77 -8.17 27.93
C LYS A 324 -11.10 -9.49 27.21
N LYS A 325 -12.31 -9.58 26.64
CA LYS A 325 -12.73 -10.73 25.84
C LYS A 325 -13.35 -10.34 24.50
N SER A 326 -13.71 -9.09 24.29
CA SER A 326 -14.38 -8.73 23.07
C SER A 326 -13.39 -8.07 22.15
N ARG A 327 -13.59 -8.22 20.84
CA ARG A 327 -12.64 -7.72 19.88
C ARG A 327 -13.42 -7.29 18.70
N LEU A 328 -12.93 -6.22 18.08
CA LEU A 328 -13.46 -5.76 16.84
C LEU A 328 -12.97 -6.65 15.75
N LEU A 329 -13.76 -6.78 14.71
CA LEU A 329 -13.32 -7.45 13.50
C LEU A 329 -12.07 -6.73 12.95
N ASP A 330 -11.24 -7.50 12.27
CA ASP A 330 -10.03 -6.96 11.64
C ASP A 330 -10.20 -6.31 10.25
N ASN A 331 -11.24 -6.68 9.50
CA ASN A 331 -11.37 -6.25 8.11
C ASN A 331 -11.73 -4.72 7.99
N LYS A 332 -10.96 -3.96 7.21
CA LYS A 332 -11.21 -2.51 7.16
C LYS A 332 -12.47 -2.11 6.39
N MET A 333 -12.96 -3.01 5.57
CA MET A 333 -14.13 -2.74 4.77
C MET A 333 -15.44 -2.73 5.60
N VAL A 334 -15.45 -3.31 6.78
CA VAL A 334 -16.72 -3.42 7.56
C VAL A 334 -16.41 -3.00 9.00
N LEU A 335 -17.43 -2.84 9.82
CA LEU A 335 -17.19 -2.44 11.17
C LEU A 335 -18.11 -3.18 12.14
N GLY A 336 -17.53 -3.95 13.05
CA GLY A 336 -18.32 -4.78 13.92
C GLY A 336 -17.44 -5.61 14.80
N TYR A 337 -18.07 -6.40 15.66
CA TYR A 337 -17.33 -7.19 16.63
C TYR A 337 -17.08 -8.57 16.08
N ASP A 338 -15.95 -9.14 16.44
CA ASP A 338 -15.67 -10.49 16.10
C ASP A 338 -16.42 -11.32 17.13
N LYS A 339 -16.24 -10.97 18.40
CA LYS A 339 -16.92 -11.56 19.52
C LYS A 339 -17.28 -10.43 20.48
N LEU A 340 -18.40 -10.58 21.17
CA LEU A 340 -18.88 -9.54 22.08
C LEU A 340 -19.39 -10.16 23.37
N PHE A 341 -18.75 -9.82 24.48
CA PHE A 341 -19.13 -10.34 25.78
C PHE A 341 -19.46 -9.17 26.66
N LEU A 342 -20.56 -9.34 27.35
CA LEU A 342 -21.11 -8.30 28.17
C LEU A 342 -20.58 -8.29 29.58
N SER A 343 -20.47 -7.07 30.08
CA SER A 343 -20.47 -6.78 31.51
C SER A 343 -19.07 -6.79 31.98
N MET B 1 8.74 -5.42 4.36
CA MET B 1 9.01 -4.17 3.59
C MET B 1 8.86 -4.49 2.13
N ARG B 2 8.16 -3.62 1.42
CA ARG B 2 7.70 -3.93 0.09
C ARG B 2 7.37 -2.64 -0.66
N LEU B 3 7.60 -1.51 0.01
CA LEU B 3 7.22 -0.17 -0.46
C LEU B 3 5.81 -0.03 -1.06
N ASN B 4 5.07 0.96 -0.55
CA ASN B 4 3.71 1.23 -0.99
C ASN B 4 3.54 2.60 -1.60
N ASP B 5 2.44 2.79 -2.30
CA ASP B 5 2.11 4.08 -2.88
C ASP B 5 2.02 5.20 -1.82
N PRO B 6 2.85 6.25 -1.95
CA PRO B 6 2.54 7.50 -1.29
C PRO B 6 1.32 8.13 -1.98
N VAL B 7 0.63 9.00 -1.28
CA VAL B 7 -0.46 9.67 -1.93
C VAL B 7 -0.16 11.16 -2.08
N HIS B 8 -0.32 11.66 -3.30
CA HIS B 8 -0.16 13.07 -3.53
C HIS B 8 -1.48 13.75 -3.18
N TYR B 9 -1.43 14.63 -2.21
CA TYR B 9 -2.62 15.30 -1.77
C TYR B 9 -2.20 16.69 -1.36
N ASP B 10 -2.98 17.69 -1.77
CA ASP B 10 -2.82 19.06 -1.27
C ASP B 10 -1.42 19.61 -1.59
N GLY B 11 -0.97 19.42 -2.82
CA GLY B 11 0.36 19.87 -3.22
C GLY B 11 1.58 19.14 -2.68
N ALA B 12 1.40 18.00 -2.01
CA ALA B 12 2.55 17.25 -1.52
C ALA B 12 2.32 15.74 -1.47
N TRP B 13 3.40 14.97 -1.40
CA TRP B 13 3.32 13.53 -1.17
C TRP B 13 3.19 13.21 0.29
N HIS B 14 2.40 12.20 0.65
CA HIS B 14 2.28 11.83 2.05
C HIS B 14 2.70 10.39 2.20
N VAL B 15 3.76 10.20 2.97
CA VAL B 15 4.39 8.90 3.12
C VAL B 15 4.16 8.46 4.55
N TYR B 16 3.42 7.38 4.71
CA TYR B 16 2.88 7.06 6.01
C TYR B 16 3.16 5.62 6.46
N LYS B 17 3.78 4.78 5.61
CA LYS B 17 4.14 3.40 5.97
C LYS B 17 5.60 3.33 6.31
N TYR B 18 5.92 2.52 7.31
CA TYR B 18 7.27 2.44 7.93
C TYR B 18 8.47 2.31 6.97
N SER B 19 8.37 1.39 6.03
CA SER B 19 9.48 1.11 5.14
C SER B 19 9.71 2.35 4.26
N ASP B 20 8.63 3.06 4.01
CA ASP B 20 8.64 4.21 3.12
C ASP B 20 9.20 5.46 3.80
N VAL B 21 8.84 5.63 5.06
CA VAL B 21 9.37 6.72 5.83
C VAL B 21 10.87 6.47 6.04
N LYS B 22 11.25 5.22 6.31
CA LYS B 22 12.69 4.95 6.47
C LYS B 22 13.44 5.23 5.16
N HIS B 23 12.83 4.87 4.04
CA HIS B 23 13.48 5.10 2.75
C HIS B 23 13.78 6.58 2.46
N VAL B 24 12.78 7.44 2.65
CA VAL B 24 12.93 8.86 2.48
C VAL B 24 13.97 9.48 3.43
N LEU B 25 13.85 9.16 4.70
CA LEU B 25 14.73 9.74 5.70
C LEU B 25 16.18 9.28 5.50
N MET B 26 16.37 8.02 5.10
CA MET B 26 17.70 7.46 4.82
C MET B 26 18.33 8.03 3.55
N ASN B 27 17.51 8.62 2.70
CA ASN B 27 17.98 9.01 1.39
C ASN B 27 18.10 10.51 1.21
N ASP B 28 19.00 11.09 2.02
CA ASP B 28 19.17 12.53 2.12
C ASP B 28 19.64 13.22 0.85
N LYS B 29 20.36 12.49 0.01
CA LYS B 29 20.74 12.93 -1.32
C LYS B 29 19.53 13.06 -2.26
N ILE B 30 18.67 12.04 -2.28
CA ILE B 30 17.42 12.12 -3.06
C ILE B 30 16.35 13.02 -2.39
N PHE B 31 16.14 12.86 -1.09
CA PHE B 31 15.22 13.77 -0.38
C PHE B 31 15.89 14.77 0.57
N SER B 32 15.97 15.99 0.07
CA SER B 32 16.71 17.05 0.68
C SER B 32 15.95 17.75 1.81
N SER B 33 16.68 18.18 2.83
CA SER B 33 16.07 18.91 3.91
C SER B 33 15.93 20.42 3.65
N ASN B 34 16.48 20.92 2.54
CA ASN B 34 16.38 22.36 2.22
C ASN B 34 14.93 22.75 1.90
N GLY B 43 19.19 30.22 7.27
CA GLY B 43 17.88 30.48 7.82
C GLY B 43 17.93 30.06 9.27
N GLY B 44 16.77 30.18 9.95
CA GLY B 44 16.63 30.03 11.43
C GLY B 44 16.43 28.62 11.94
N ILE B 45 16.16 27.78 10.99
CA ILE B 45 16.13 26.38 11.25
C ILE B 45 17.60 25.89 11.32
N SER B 46 18.56 26.72 10.91
CA SER B 46 19.99 26.44 11.13
C SER B 46 20.37 25.16 10.38
N PHE B 47 21.01 24.20 11.03
CA PHE B 47 21.48 23.00 10.29
C PHE B 47 20.45 21.90 9.97
N ILE B 48 19.30 21.95 10.64
CA ILE B 48 18.20 21.04 10.37
C ILE B 48 17.68 21.18 8.92
N THR B 49 17.87 22.34 8.32
CA THR B 49 17.49 22.53 6.92
C THR B 49 18.73 22.64 6.00
N MET B 50 19.72 21.78 6.24
CA MET B 50 20.95 21.79 5.46
C MET B 50 21.20 20.40 4.94
N ASP B 51 21.85 20.31 3.80
CA ASP B 51 22.07 19.01 3.22
C ASP B 51 23.45 18.50 3.54
N ASN B 52 23.60 17.21 3.25
CA ASN B 52 24.75 16.40 3.67
C ASN B 52 26.04 17.05 4.07
N PRO B 53 26.76 17.74 3.12
CA PRO B 53 28.13 18.24 3.49
C PRO B 53 28.12 19.46 4.46
N GLU B 54 27.65 20.62 4.01
CA GLU B 54 27.40 21.78 4.92
C GLU B 54 26.87 21.39 6.29
N HIS B 55 25.89 20.48 6.31
CA HIS B 55 25.22 20.07 7.55
C HIS B 55 26.10 19.23 8.48
N LYS B 56 26.70 18.14 7.98
CA LYS B 56 27.55 17.30 8.83
C LYS B 56 28.87 18.01 8.88
N GLU B 57 28.85 19.16 9.55
CA GLU B 57 29.93 20.14 9.66
C GLU B 57 29.43 21.23 10.60
N PHE B 58 28.14 21.56 10.47
CA PHE B 58 27.46 22.27 11.54
C PHE B 58 27.17 21.33 12.70
N ARG B 59 26.70 20.12 12.43
CA ARG B 59 26.36 19.17 13.49
C ARG B 59 27.56 18.84 14.36
N ASP B 60 28.70 18.58 13.74
CA ASP B 60 29.91 18.14 14.45
C ASP B 60 30.48 19.11 15.49
N ILE B 61 30.11 20.39 15.41
CA ILE B 61 30.55 21.34 16.42
C ILE B 61 29.99 20.93 17.79
N SER B 62 28.70 20.58 17.83
CA SER B 62 28.03 20.29 19.10
C SER B 62 27.89 18.79 19.37
N ALA B 63 27.87 18.01 18.30
CA ALA B 63 27.73 16.56 18.41
C ALA B 63 28.47 15.96 19.63
N PRO B 64 29.83 16.10 19.71
CA PRO B 64 30.50 15.28 20.73
C PRO B 64 30.00 15.60 22.13
N TYR B 65 29.40 16.77 22.28
CA TYR B 65 28.91 17.21 23.58
C TYR B 65 27.54 16.61 23.87
N PHE B 66 26.90 16.09 22.83
CA PHE B 66 25.58 15.47 22.96
C PHE B 66 25.57 13.96 23.05
N LEU B 67 26.73 13.34 22.84
CA LEU B 67 26.91 11.90 23.01
C LEU B 67 26.37 11.45 24.38
N PRO B 68 25.82 10.22 24.47
CA PRO B 68 25.18 9.69 25.67
C PRO B 68 25.97 9.86 26.95
N SER B 69 27.21 9.40 26.97
CA SER B 69 28.04 9.46 28.17
C SER B 69 28.25 10.88 28.68
N LYS B 70 28.32 11.82 27.76
CA LYS B 70 28.57 13.20 28.15
C LYS B 70 27.29 13.85 28.69
N ILE B 71 26.13 13.43 28.15
CA ILE B 71 24.81 13.79 28.69
C ILE B 71 24.59 13.16 30.07
N ASN B 72 25.11 11.95 30.27
CA ASN B 72 24.99 11.29 31.55
C ASN B 72 25.60 12.13 32.69
N ASP B 73 26.54 13.01 32.34
CA ASP B 73 27.09 13.96 33.30
C ASP B 73 25.97 14.72 33.99
N TYR B 74 25.07 15.31 33.19
CA TYR B 74 23.99 16.17 33.68
C TYR B 74 22.94 15.46 34.55
N LYS B 75 22.94 14.12 34.53
CA LYS B 75 21.98 13.32 35.29
C LYS B 75 21.71 13.93 36.67
N ASP B 76 22.78 14.23 37.40
CA ASP B 76 22.72 14.88 38.71
C ASP B 76 21.81 16.10 38.69
N PHE B 77 22.22 17.12 37.93
CA PHE B 77 21.50 18.41 37.86
C PHE B 77 20.05 18.30 37.36
N ILE B 78 19.76 17.31 36.53
CA ILE B 78 18.39 17.05 36.08
C ILE B 78 17.50 16.55 37.24
N GLU B 79 17.93 15.48 37.91
CA GLU B 79 17.13 14.84 38.97
C GLU B 79 16.66 15.84 40.01
N GLU B 80 17.55 16.78 40.33
CA GLU B 80 17.28 17.84 41.26
C GLU B 80 16.15 18.73 40.77
N THR B 81 16.26 19.13 39.49
CA THR B 81 15.38 20.12 38.89
C THR B 81 13.98 19.54 38.85
N SER B 82 13.89 18.31 38.37
CA SER B 82 12.66 17.54 38.32
C SER B 82 11.99 17.54 39.68
N ASN B 83 12.79 17.24 40.70
CA ASN B 83 12.33 17.16 42.08
C ASN B 83 11.68 18.46 42.55
N ASP B 84 12.41 19.57 42.45
CA ASP B 84 11.90 20.84 42.95
C ASP B 84 10.59 21.20 42.28
N LEU B 85 10.62 21.28 40.96
CA LEU B 85 9.46 21.65 40.14
C LEU B 85 8.26 20.74 40.34
N ILE B 86 8.42 19.64 41.06
CA ILE B 86 7.29 18.75 41.30
C ILE B 86 6.67 18.87 42.68
N LYS B 87 7.36 19.55 43.59
CA LYS B 87 6.92 19.68 44.99
C LYS B 87 5.62 20.50 45.14
N ASN B 88 5.40 21.39 44.18
CA ASN B 88 4.28 22.33 44.18
C ASN B 88 3.39 22.09 42.95
N ILE B 89 2.55 21.07 43.02
CA ILE B 89 1.94 20.54 41.79
C ILE B 89 0.44 20.24 41.85
N ASP B 90 0.01 19.51 42.88
CA ASP B 90 -1.39 19.07 43.04
C ASP B 90 -2.42 20.11 42.60
N ASN B 91 -3.46 19.66 41.90
CA ASN B 91 -4.55 20.52 41.44
C ASN B 91 -4.13 21.41 40.25
N LYS B 92 -2.95 22.01 40.34
CA LYS B 92 -2.41 22.88 39.28
C LYS B 92 -2.09 22.12 37.99
N ASP B 93 -1.76 22.85 36.93
CA ASP B 93 -1.51 22.28 35.59
C ASP B 93 -0.10 21.73 35.41
N ILE B 94 -0.02 20.42 35.18
CA ILE B 94 1.24 19.71 34.97
C ILE B 94 2.02 20.27 33.76
N ILE B 95 1.30 20.59 32.70
CA ILE B 95 2.00 21.13 31.56
C ILE B 95 2.72 22.40 31.97
N SER B 96 1.96 23.45 32.23
CA SER B 96 2.50 24.77 32.54
C SER B 96 3.45 24.80 33.76
N GLU B 97 3.11 24.02 34.80
CA GLU B 97 3.87 24.08 36.05
C GLU B 97 5.03 23.09 36.14
N TYR B 98 5.13 22.19 35.18
CA TYR B 98 6.18 21.18 35.27
C TYR B 98 6.77 20.78 33.91
N ALA B 99 5.92 20.37 32.99
CA ALA B 99 6.40 19.79 31.73
C ALA B 99 7.08 20.80 30.80
N VAL B 100 6.62 22.05 30.84
CA VAL B 100 7.25 23.12 30.10
C VAL B 100 8.58 23.49 30.79
N ARG B 101 8.57 23.41 32.11
CA ARG B 101 9.64 23.96 32.92
C ARG B 101 10.91 23.13 32.90
N LEU B 102 10.74 21.81 32.92
CA LEU B 102 11.86 20.91 33.11
C LEU B 102 12.86 20.97 31.94
N PRO B 103 12.38 20.91 30.68
CA PRO B 103 13.34 21.04 29.60
C PRO B 103 13.99 22.44 29.50
N VAL B 104 13.26 23.49 29.84
CA VAL B 104 13.80 24.84 29.69
C VAL B 104 14.94 25.14 30.69
N ASN B 105 14.86 24.60 31.90
CA ASN B 105 15.96 24.80 32.84
C ASN B 105 17.21 24.00 32.43
N ILE B 106 16.99 22.78 32.00
CA ILE B 106 18.05 21.86 31.61
C ILE B 106 18.86 22.38 30.44
N ILE B 107 18.15 22.84 29.42
CA ILE B 107 18.76 23.36 28.20
C ILE B 107 19.60 24.61 28.47
N SER B 108 19.02 25.53 29.25
CA SER B 108 19.76 26.71 29.63
C SER B 108 21.07 26.33 30.32
N LYS B 109 21.05 25.30 31.17
CA LYS B 109 22.28 24.86 31.80
C LYS B 109 23.35 24.46 30.79
N ILE B 110 22.92 23.71 29.77
CA ILE B 110 23.78 23.19 28.72
C ILE B 110 24.31 24.28 27.78
N LEU B 111 23.49 25.28 27.47
CA LEU B 111 23.92 26.33 26.57
C LEU B 111 25.01 27.18 27.19
N GLY B 112 25.02 27.24 28.51
CA GLY B 112 25.86 28.17 29.25
C GLY B 112 25.14 29.46 29.62
N ILE B 113 23.82 29.40 29.76
CA ILE B 113 23.00 30.58 30.12
C ILE B 113 23.14 30.92 31.63
N PRO B 114 23.68 32.12 31.96
CA PRO B 114 23.84 32.51 33.37
C PRO B 114 22.48 32.55 34.07
N ASP B 115 22.44 32.03 35.29
CA ASP B 115 21.19 31.83 36.04
C ASP B 115 20.35 33.11 36.19
N SER B 116 21.01 34.26 36.23
CA SER B 116 20.32 35.53 36.41
C SER B 116 19.64 36.02 35.13
N ASP B 117 19.93 35.35 34.00
CA ASP B 117 19.26 35.64 32.73
C ASP B 117 18.00 34.82 32.52
N MET B 118 17.75 33.88 33.44
CA MET B 118 16.70 32.87 33.22
C MET B 118 15.30 33.43 33.01
N PRO B 119 14.93 34.54 33.70
CA PRO B 119 13.62 35.08 33.39
C PRO B 119 13.53 35.71 31.99
N LEU B 120 14.65 36.15 31.44
CA LEU B 120 14.65 36.66 30.07
C LEU B 120 14.62 35.49 29.10
N PHE B 121 15.36 34.44 29.45
CA PHE B 121 15.49 33.23 28.65
C PHE B 121 14.25 32.36 28.58
N LYS B 122 13.56 32.16 29.71
CA LYS B 122 12.21 31.57 29.72
C LYS B 122 11.26 32.33 28.79
N LEU B 123 11.12 33.64 28.98
CA LEU B 123 10.32 34.46 28.06
C LEU B 123 10.74 34.30 26.58
N TRP B 124 12.03 34.41 26.30
CA TRP B 124 12.49 34.27 24.94
C TRP B 124 12.15 32.92 24.35
N SER B 125 12.42 31.87 25.14
CA SER B 125 12.16 30.49 24.73
C SER B 125 10.68 30.31 24.40
N ASP B 126 9.77 30.78 25.26
CA ASP B 126 8.33 30.64 24.99
C ASP B 126 7.89 31.23 23.64
N TYR B 127 8.45 32.36 23.26
CA TYR B 127 8.11 32.94 21.97
C TYR B 127 8.64 32.10 20.85
N ILE B 128 9.91 31.74 20.98
CA ILE B 128 10.69 31.12 19.93
C ILE B 128 10.22 29.71 19.64
N ILE B 129 9.68 29.03 20.66
CA ILE B 129 9.07 27.71 20.41
C ILE B 129 7.56 27.79 20.10
N GLY B 130 6.97 28.98 20.22
CA GLY B 130 5.55 29.17 19.93
C GLY B 130 4.51 29.02 21.05
N ASN B 131 4.97 28.91 22.29
CA ASN B 131 4.05 29.01 23.42
C ASN B 131 3.41 30.39 23.49
N LYS B 132 4.21 31.41 23.76
CA LYS B 132 3.72 32.80 23.73
C LYS B 132 3.57 33.18 22.26
N ARG B 133 2.59 34.05 22.01
CA ARG B 133 2.44 34.75 20.75
C ARG B 133 1.93 36.15 21.11
N ASP B 134 2.64 37.20 20.66
CA ASP B 134 2.42 38.56 21.17
C ASP B 134 2.85 39.67 20.26
N GLU B 135 2.40 40.86 20.61
CA GLU B 135 3.01 42.09 20.12
C GLU B 135 4.45 42.26 20.66
N ASN B 136 4.76 41.55 21.76
CA ASN B 136 5.98 41.78 22.52
C ASN B 136 7.17 40.95 22.07
N PHE B 137 7.05 40.29 20.92
CA PHE B 137 8.12 39.41 20.48
C PHE B 137 9.42 40.17 20.26
N ASN B 138 9.32 41.26 19.51
CA ASN B 138 10.48 42.04 19.11
C ASN B 138 11.30 42.59 20.28
N TYR B 139 10.64 43.30 21.19
CA TYR B 139 11.23 43.67 22.47
C TYR B 139 11.97 42.53 23.20
N VAL B 140 11.33 41.39 23.37
CA VAL B 140 11.93 40.30 24.11
C VAL B 140 13.14 39.79 23.35
N ASN B 141 12.94 39.57 22.07
CA ASN B 141 13.96 39.02 21.18
C ASN B 141 15.19 39.92 21.07
N ASN B 142 14.98 41.23 20.98
CA ASN B 142 16.09 42.17 20.89
C ASN B 142 16.83 42.32 22.21
N ARG B 143 16.13 42.12 23.32
CA ARG B 143 16.83 42.12 24.58
C ARG B 143 17.67 40.86 24.68
N MET B 144 17.09 39.71 24.33
CA MET B 144 17.77 38.45 24.58
C MET B 144 18.95 38.24 23.64
N VAL B 145 18.80 38.69 22.39
CA VAL B 145 19.91 38.58 21.42
C VAL B 145 21.07 39.46 21.87
N SER B 146 20.80 40.73 22.08
CA SER B 146 21.86 41.62 22.51
C SER B 146 22.46 41.09 23.81
N ARG B 147 21.66 40.37 24.58
CA ARG B 147 22.18 39.65 25.75
C ARG B 147 23.12 38.49 25.35
N LEU B 148 22.70 37.70 24.39
CA LEU B 148 23.54 36.57 23.95
C LEU B 148 24.88 37.08 23.45
N LEU B 149 24.85 38.27 22.85
CA LEU B 149 26.07 38.90 22.37
C LEU B 149 27.04 39.24 23.51
N GLU B 150 26.51 39.69 24.63
CA GLU B 150 27.30 39.93 25.84
C GLU B 150 27.90 38.62 26.30
N ILE B 151 27.05 37.61 26.46
CA ILE B 151 27.49 36.32 26.92
C ILE B 151 28.53 35.73 25.98
N PHE B 152 28.50 36.17 24.72
CA PHE B 152 29.52 35.75 23.78
C PHE B 152 30.89 36.35 24.04
N LYS B 153 30.89 37.62 24.46
CA LYS B 153 32.12 38.38 24.78
C LYS B 153 32.75 37.97 26.11
N SER B 154 32.02 37.20 26.91
CA SER B 154 32.54 36.68 28.19
C SER B 154 33.19 35.33 27.89
N ASP B 155 33.47 34.54 28.92
CA ASP B 155 33.63 33.10 28.72
C ASP B 155 32.54 32.39 29.51
N SER B 156 31.69 31.63 28.82
CA SER B 156 30.66 30.85 29.50
C SER B 156 31.07 29.39 29.58
N HIS B 157 30.29 28.54 30.25
CA HIS B 157 30.69 27.13 30.39
C HIS B 157 29.86 26.10 29.60
N GLY B 158 29.06 26.56 28.65
CA GLY B 158 28.24 25.63 27.93
C GLY B 158 28.45 25.65 26.44
N ILE B 159 27.40 25.28 25.71
CA ILE B 159 27.47 25.15 24.27
C ILE B 159 27.88 26.49 23.64
N ILE B 160 27.58 27.58 24.35
CA ILE B 160 27.86 28.93 23.89
C ILE B 160 29.36 29.18 23.71
N ASN B 161 30.14 28.73 24.69
CA ASN B 161 31.60 28.82 24.63
C ASN B 161 32.11 28.02 23.44
N VAL B 162 31.64 26.78 23.33
CA VAL B 162 31.99 25.89 22.22
C VAL B 162 31.80 26.60 20.88
N LEU B 163 30.62 27.20 20.68
CA LEU B 163 30.32 27.99 19.49
C LEU B 163 31.27 29.16 19.25
N ALA B 164 31.54 29.92 20.31
CA ALA B 164 32.46 31.04 20.22
C ALA B 164 33.80 30.65 19.57
N GLY B 165 34.36 29.51 19.98
CA GLY B 165 35.63 29.03 19.42
C GLY B 165 35.48 27.76 18.59
N SER B 166 34.82 27.88 17.43
CA SER B 166 34.66 26.77 16.50
C SER B 166 34.44 27.25 15.06
N SER B 167 34.75 26.37 14.11
CA SER B 167 34.73 26.70 12.68
C SER B 167 34.60 25.47 11.78
N LEU B 168 35.30 25.52 10.64
CA LEU B 168 35.67 24.38 9.78
C LEU B 168 36.05 24.82 8.35
N LYS B 169 36.17 23.84 7.44
CA LYS B 169 36.33 23.98 5.97
C LYS B 169 36.98 25.25 5.38
N ASN B 170 37.39 26.18 6.26
CA ASN B 170 37.88 27.51 5.87
C ASN B 170 36.79 28.59 5.99
N ARG B 171 36.29 28.80 7.22
CA ARG B 171 35.21 29.75 7.45
C ARG B 171 34.78 29.80 8.91
N LYS B 172 34.92 30.97 9.54
CA LYS B 172 34.37 31.23 10.88
C LYS B 172 32.86 31.47 10.79
N LEU B 173 32.14 31.09 11.84
CA LEU B 173 30.69 31.20 11.90
C LEU B 173 30.20 32.63 12.03
N THR B 174 29.34 33.05 11.10
CA THR B 174 28.55 34.28 11.24
C THR B 174 27.83 34.39 12.60
N MET B 175 27.51 35.63 12.99
CA MET B 175 26.84 35.92 14.26
C MET B 175 25.39 35.47 14.29
N ASP B 176 24.66 35.68 13.19
CA ASP B 176 23.30 35.16 13.11
C ASP B 176 23.32 33.63 13.13
N GLU B 177 24.42 33.02 12.67
CA GLU B 177 24.57 31.56 12.65
C GLU B 177 24.74 31.00 14.06
N LYS B 178 25.49 31.69 14.89
CA LYS B 178 25.61 31.25 16.28
C LYS B 178 24.26 31.35 17.03
N ILE B 179 23.55 32.44 16.81
CA ILE B 179 22.27 32.70 17.46
C ILE B 179 21.29 31.66 16.99
N LYS B 180 21.27 31.39 15.69
CA LYS B 180 20.36 30.39 15.14
C LYS B 180 20.68 28.93 15.46
N TYR B 181 21.94 28.63 15.73
CA TYR B 181 22.32 27.31 16.21
C TYR B 181 21.68 27.10 17.57
N ILE B 182 21.81 28.13 18.40
CA ILE B 182 21.29 28.15 19.75
C ILE B 182 19.76 28.03 19.69
N MET B 183 19.15 28.82 18.83
CA MET B 183 17.71 28.75 18.62
C MET B 183 17.29 27.33 18.23
N LEU B 184 18.09 26.63 17.42
CA LEU B 184 17.76 25.27 17.04
C LEU B 184 17.75 24.25 18.19
N LEU B 185 18.69 24.30 19.11
CA LEU B 185 18.65 23.38 20.24
C LEU B 185 17.44 23.63 21.16
N ILE B 186 16.99 24.87 21.25
CA ILE B 186 15.92 25.17 22.16
C ILE B 186 14.62 24.59 21.59
N ILE B 187 14.34 24.93 20.34
CA ILE B 187 13.12 24.53 19.69
C ILE B 187 13.01 23.02 19.55
N GLY B 188 14.11 22.37 19.16
CA GLY B 188 14.10 20.91 18.99
C GLY B 188 13.86 20.18 20.31
N GLY B 189 14.37 20.73 21.40
CA GLY B 189 14.26 20.07 22.67
C GLY B 189 13.05 20.38 23.49
N ASN B 190 12.54 21.61 23.45
CA ASN B 190 11.56 22.01 24.44
C ASN B 190 10.19 21.38 24.31
N GLU B 191 9.44 21.75 23.27
CA GLU B 191 8.07 21.28 23.09
C GLU B 191 7.94 19.75 23.00
N THR B 192 8.94 19.13 22.35
CA THR B 192 8.99 17.70 22.18
C THR B 192 9.06 16.99 23.54
N THR B 193 9.92 17.50 24.40
CA THR B 193 10.08 16.89 25.68
C THR B 193 8.86 17.15 26.55
N THR B 194 8.34 18.38 26.48
CA THR B 194 7.08 18.71 27.16
C THR B 194 5.94 17.81 26.71
N ASN B 195 5.88 17.54 25.41
CA ASN B 195 4.84 16.68 24.84
C ASN B 195 4.97 15.20 25.22
N LEU B 196 6.18 14.66 25.09
CA LEU B 196 6.49 13.31 25.59
C LEU B 196 6.05 13.10 27.05
N ILE B 197 6.44 14.02 27.93
CA ILE B 197 6.20 13.88 29.37
C ILE B 197 4.71 13.75 29.70
N GLY B 198 3.87 14.53 29.03
CA GLY B 198 2.43 14.53 29.23
C GLY B 198 1.85 13.29 28.60
N ASN B 199 2.48 12.87 27.50
CA ASN B 199 2.07 11.66 26.83
C ASN B 199 2.33 10.41 27.67
N MET B 200 3.45 10.38 28.39
CA MET B 200 3.68 9.29 29.36
C MET B 200 2.51 9.14 30.34
N ILE B 201 2.09 10.25 30.95
CA ILE B 201 0.89 10.23 31.80
C ILE B 201 -0.30 9.59 31.08
N ARG B 202 -0.54 9.98 29.84
CA ARG B 202 -1.71 9.51 29.11
C ARG B 202 -1.74 7.99 29.06
N VAL B 203 -0.59 7.39 28.73
CA VAL B 203 -0.41 5.93 28.68
C VAL B 203 -0.79 5.28 30.01
N ILE B 204 -0.35 5.89 31.10
CA ILE B 204 -0.71 5.45 32.44
C ILE B 204 -2.21 5.60 32.74
N ASP B 205 -2.77 6.82 32.65
CA ASP B 205 -4.20 7.00 32.88
C ASP B 205 -5.08 6.05 32.08
N GLU B 206 -4.62 5.69 30.89
CA GLU B 206 -5.34 4.77 30.01
C GLU B 206 -5.09 3.28 30.32
N ASN B 207 -3.87 2.98 30.73
CA ASN B 207 -3.50 1.63 31.13
C ASN B 207 -3.12 1.62 32.61
N PRO B 208 -4.13 1.52 33.49
CA PRO B 208 -4.01 1.80 34.94
C PRO B 208 -3.03 0.90 35.69
N ASP B 209 -2.91 -0.34 35.18
CA ASP B 209 -1.97 -1.29 35.76
C ASP B 209 -0.86 -1.62 34.76
N ILE B 210 -0.01 -0.57 34.53
CA ILE B 210 1.27 -0.74 33.85
C ILE B 210 2.39 -0.12 34.72
N ILE B 211 1.97 0.61 35.76
CA ILE B 211 2.86 1.33 36.67
C ILE B 211 4.06 0.48 37.16
N ASP B 212 3.75 -0.72 37.67
CA ASP B 212 4.77 -1.70 38.08
C ASP B 212 5.83 -1.87 36.97
N ASP B 213 5.36 -2.51 35.86
CA ASP B 213 6.15 -2.75 34.64
C ASP B 213 7.04 -1.56 34.26
N ALA B 214 6.46 -0.35 34.34
CA ALA B 214 7.17 0.89 34.04
C ALA B 214 8.36 1.09 34.99
N LEU B 215 8.07 0.97 36.30
CA LEU B 215 9.14 1.19 37.29
C LEU B 215 10.34 0.29 37.07
N LYS B 216 10.06 -1.00 36.74
CA LYS B 216 11.08 -1.99 36.34
C LYS B 216 12.01 -1.55 35.20
N ASN B 217 11.42 -0.90 34.15
CA ASN B 217 12.20 -0.62 32.94
C ASN B 217 11.91 0.78 32.44
N ARG B 218 12.66 1.74 33.01
CA ARG B 218 12.44 3.13 32.69
C ARG B 218 12.66 3.43 31.19
N SER B 219 13.79 2.99 30.64
CA SER B 219 14.08 3.09 29.20
C SER B 219 12.93 2.58 28.34
N GLY B 220 12.55 1.33 28.61
CA GLY B 220 11.54 0.62 27.84
C GLY B 220 10.20 1.33 27.74
N PHE B 221 9.69 1.83 28.87
CA PHE B 221 8.45 2.61 28.88
C PHE B 221 8.57 3.92 28.06
N VAL B 222 9.64 4.68 28.30
CA VAL B 222 9.96 5.89 27.56
C VAL B 222 9.97 5.57 26.07
N GLU B 223 10.70 4.52 25.74
CA GLU B 223 10.91 4.08 24.37
C GLU B 223 9.63 3.62 23.71
N GLU B 224 8.75 2.95 24.48
CA GLU B 224 7.45 2.53 23.93
C GLU B 224 6.48 3.71 23.79
N THR B 225 6.57 4.69 24.68
CA THR B 225 5.73 5.87 24.56
C THR B 225 6.15 6.69 23.33
N LEU B 226 7.46 6.85 23.13
CA LEU B 226 7.98 7.53 21.93
C LEU B 226 7.38 6.93 20.66
N ARG B 227 7.21 5.61 20.67
CA ARG B 227 6.62 4.91 19.54
C ARG B 227 5.10 5.01 19.51
N TYR B 228 4.46 4.95 20.65
CA TYR B 228 3.02 4.88 20.70
C TYR B 228 2.30 6.22 20.59
N TYR B 229 2.85 7.26 21.21
CA TYR B 229 2.32 8.63 21.06
C TYR B 229 3.47 9.60 20.69
N SER B 230 3.88 9.55 19.43
CA SER B 230 5.06 10.25 19.02
C SER B 230 4.79 11.71 19.18
N PRO B 231 5.70 12.41 19.87
CA PRO B 231 5.61 13.84 20.09
C PRO B 231 5.53 14.57 18.76
N ILE B 232 6.38 14.18 17.79
CA ILE B 232 6.32 14.71 16.41
C ILE B 232 5.59 13.74 15.47
N GLN B 233 4.39 14.13 15.03
CA GLN B 233 3.58 13.24 14.18
C GLN B 233 4.10 13.18 12.75
N PHE B 234 4.54 14.30 12.20
CA PHE B 234 5.05 14.29 10.82
C PHE B 234 6.12 15.31 10.63
N LEU B 235 7.06 15.01 9.72
CA LEU B 235 8.03 16.00 9.28
C LEU B 235 7.63 16.54 7.92
N PRO B 236 7.31 17.84 7.83
CA PRO B 236 6.79 18.32 6.54
C PRO B 236 7.85 18.72 5.51
N HIS B 237 9.11 18.78 5.92
CA HIS B 237 10.04 19.52 5.08
C HIS B 237 11.10 18.64 4.34
N ARG B 238 10.64 17.78 3.46
CA ARG B 238 11.54 17.11 2.53
C ARG B 238 11.18 17.55 1.14
N PHE B 239 12.22 17.64 0.31
CA PHE B 239 12.05 18.01 -1.09
C PHE B 239 12.92 17.19 -1.98
N ALA B 240 12.31 16.65 -3.03
CA ALA B 240 13.01 15.80 -3.96
C ALA B 240 14.07 16.61 -4.67
N ALA B 241 15.32 16.23 -4.50
CA ALA B 241 16.43 16.96 -5.15
C ALA B 241 16.56 16.52 -6.60
N GLU B 242 15.82 15.48 -6.95
CA GLU B 242 15.82 14.89 -8.28
C GLU B 242 14.67 13.90 -8.34
N ASP B 243 14.15 13.67 -9.54
CA ASP B 243 13.13 12.65 -9.80
C ASP B 243 13.52 11.27 -9.28
N SER B 244 12.52 10.54 -8.75
CA SER B 244 12.71 9.16 -8.29
C SER B 244 11.34 8.49 -8.09
N TYR B 245 11.34 7.17 -7.91
CA TYR B 245 10.12 6.39 -7.81
C TYR B 245 9.95 5.72 -6.47
N ILE B 246 8.71 5.68 -5.98
CA ILE B 246 8.34 4.90 -4.80
C ILE B 246 7.13 4.05 -5.15
N ASN B 247 7.33 2.75 -5.18
CA ASN B 247 6.37 1.74 -5.66
C ASN B 247 5.23 2.24 -6.55
N ASN B 248 5.53 2.59 -7.80
CA ASN B 248 4.48 2.98 -8.79
C ASN B 248 4.05 4.44 -8.74
N LYS B 249 4.58 5.20 -7.78
CA LYS B 249 4.44 6.65 -7.85
C LYS B 249 5.79 7.31 -8.06
N LYS B 250 5.78 8.34 -8.88
CA LYS B 250 6.99 9.06 -9.24
C LYS B 250 6.93 10.40 -8.54
N ILE B 251 7.94 10.63 -7.70
CA ILE B 251 8.16 11.88 -7.01
C ILE B 251 9.12 12.69 -7.85
N LYS B 252 8.71 13.90 -8.21
CA LYS B 252 9.42 14.75 -9.16
C LYS B 252 10.30 15.76 -8.44
N LYS B 253 11.37 16.20 -9.10
CA LYS B 253 12.21 17.25 -8.57
C LYS B 253 11.37 18.44 -8.06
N GLY B 254 11.58 18.82 -6.80
CA GLY B 254 10.88 19.94 -6.17
C GLY B 254 9.60 19.57 -5.41
N ASP B 255 9.13 18.33 -5.56
CA ASP B 255 7.95 17.85 -4.84
C ASP B 255 8.23 17.84 -3.34
N GLN B 256 7.33 18.44 -2.58
CA GLN B 256 7.41 18.33 -1.16
C GLN B 256 7.02 16.90 -0.78
N VAL B 257 7.76 16.30 0.15
CA VAL B 257 7.49 14.95 0.65
C VAL B 257 7.31 14.99 2.15
N ILE B 258 6.15 14.52 2.62
CA ILE B 258 5.82 14.69 4.03
C ILE B 258 5.74 13.33 4.63
N VAL B 259 6.38 13.17 5.77
CA VAL B 259 6.65 11.88 6.33
C VAL B 259 5.91 11.74 7.64
N TYR B 260 5.10 10.70 7.80
CA TYR B 260 4.27 10.54 8.99
C TYR B 260 4.83 9.56 10.01
N LEU B 261 5.51 10.12 11.01
CA LEU B 261 6.25 9.36 12.01
C LEU B 261 5.38 8.52 12.90
N GLY B 262 4.29 9.11 13.40
CA GLY B 262 3.36 8.43 14.32
C GLY B 262 2.62 7.31 13.61
N SER B 263 2.23 7.61 12.36
CA SER B 263 1.58 6.64 11.49
C SER B 263 2.52 5.48 11.15
N ALA B 264 3.80 5.77 10.89
CA ALA B 264 4.82 4.72 10.61
C ALA B 264 5.12 3.88 11.83
N ASN B 265 5.00 4.50 13.00
CA ASN B 265 5.25 3.82 14.26
C ASN B 265 4.11 2.87 14.63
N ARG B 266 3.04 2.85 13.84
CA ARG B 266 1.94 1.91 14.05
C ARG B 266 1.83 0.93 12.88
N ASP B 267 2.96 0.49 12.36
CA ASP B 267 3.01 -0.37 11.18
C ASP B 267 2.91 -1.88 11.52
N GLU B 268 1.86 -2.56 11.01
CA GLU B 268 1.70 -4.02 11.17
C GLU B 268 2.93 -4.76 10.71
N THR B 269 3.57 -4.21 9.68
CA THR B 269 4.72 -4.84 9.02
C THR B 269 5.96 -4.76 9.91
N PHE B 270 5.92 -3.90 10.92
CA PHE B 270 7.06 -3.75 11.80
C PHE B 270 6.78 -3.97 13.29
N PHE B 271 5.55 -3.69 13.71
CA PHE B 271 5.16 -3.94 15.11
C PHE B 271 3.92 -4.82 15.17
N ASP B 272 3.99 -5.86 16.01
CA ASP B 272 2.85 -6.77 16.23
C ASP B 272 1.86 -6.15 17.23
N GLU B 273 0.58 -6.20 16.86
CA GLU B 273 -0.48 -5.47 17.57
C GLU B 273 0.02 -4.05 17.92
N PRO B 274 0.05 -3.18 16.90
CA PRO B 274 0.79 -1.91 16.86
C PRO B 274 0.15 -0.82 17.68
N ASP B 275 -1.18 -0.87 17.81
CA ASP B 275 -1.87 0.05 18.70
C ASP B 275 -2.23 -0.63 20.00
N LEU B 276 -1.28 -1.43 20.49
CA LEU B 276 -1.27 -1.85 21.88
C LEU B 276 0.13 -1.55 22.43
N PHE B 277 0.18 -1.15 23.70
CA PHE B 277 1.41 -0.71 24.38
C PHE B 277 2.20 -1.92 24.89
N LYS B 278 3.36 -2.16 24.28
CA LYS B 278 4.20 -3.32 24.60
C LYS B 278 5.62 -2.91 24.98
N ILE B 279 5.93 -2.99 26.26
CA ILE B 279 7.25 -2.62 26.78
C ILE B 279 8.28 -3.68 26.36
N GLY B 280 9.20 -3.30 25.48
CA GLY B 280 10.29 -4.16 25.06
C GLY B 280 10.07 -4.82 23.71
N ARG B 281 9.74 -4.01 22.72
CA ARG B 281 9.66 -4.48 21.34
C ARG B 281 11.07 -4.50 20.76
N ARG B 282 11.34 -5.44 19.87
CA ARG B 282 12.69 -5.61 19.35
C ARG B 282 13.10 -4.47 18.43
N GLU B 283 12.13 -3.91 17.71
CA GLU B 283 12.44 -3.14 16.51
C GLU B 283 12.39 -1.62 16.74
N MET B 284 13.33 -0.92 16.13
CA MET B 284 13.51 0.51 16.40
C MET B 284 12.36 1.31 15.81
N HIS B 285 11.93 2.35 16.54
CA HIS B 285 10.81 3.20 16.11
C HIS B 285 11.40 4.42 15.42
N LEU B 286 10.55 5.21 14.74
CA LEU B 286 11.03 6.35 13.96
C LEU B 286 10.81 7.75 14.55
N ALA B 287 10.43 7.81 15.83
CA ALA B 287 10.03 9.07 16.48
C ALA B 287 11.13 10.10 16.53
N PHE B 288 12.39 9.63 16.61
CA PHE B 288 13.58 10.48 16.54
C PHE B 288 14.08 10.62 15.11
N GLY B 289 13.31 10.12 14.15
CA GLY B 289 13.76 10.03 12.77
C GLY B 289 14.77 8.91 12.64
N ILE B 290 15.57 9.03 11.60
CA ILE B 290 16.69 8.13 11.28
C ILE B 290 17.55 8.77 10.19
N GLY B 291 18.79 8.27 10.06
CA GLY B 291 19.75 8.79 9.09
C GLY B 291 20.44 10.04 9.57
N ILE B 292 20.94 10.85 8.63
CA ILE B 292 21.85 11.93 8.96
C ILE B 292 21.30 13.07 9.87
N HIS B 293 19.99 13.21 9.93
CA HIS B 293 19.36 14.20 10.81
C HIS B 293 18.69 13.52 11.98
N MET B 294 18.96 12.24 12.23
CA MET B 294 18.41 11.60 13.45
C MET B 294 18.71 12.46 14.70
N CYS B 295 17.71 12.65 15.56
CA CYS B 295 17.77 13.57 16.72
C CYS B 295 19.11 13.66 17.41
N LEU B 296 19.70 14.84 17.36
CA LEU B 296 20.90 15.12 18.13
C LEU B 296 20.62 15.06 19.62
N GLY B 297 19.42 15.47 20.05
CA GLY B 297 19.09 15.52 21.47
C GLY B 297 18.65 14.22 22.13
N ALA B 298 18.45 13.17 21.32
CA ALA B 298 17.86 11.91 21.83
C ALA B 298 18.33 11.37 23.21
N PRO B 299 19.67 11.21 23.44
CA PRO B 299 20.12 10.74 24.78
C PRO B 299 19.67 11.65 25.91
N LEU B 300 19.63 12.95 25.64
CA LEU B 300 19.18 13.89 26.65
C LEU B 300 17.70 13.72 26.92
N ALA B 301 16.92 13.61 25.86
CA ALA B 301 15.47 13.38 25.95
C ALA B 301 15.15 12.09 26.71
N ARG B 302 15.89 11.03 26.42
CA ARG B 302 15.78 9.78 27.17
C ARG B 302 16.06 10.02 28.64
N LEU B 303 17.18 10.70 28.93
CA LEU B 303 17.52 11.04 30.30
C LEU B 303 16.41 11.86 30.96
N GLU B 304 16.07 13.00 30.37
CA GLU B 304 15.01 13.85 30.91
C GLU B 304 13.76 13.03 31.24
N ALA B 305 13.32 12.25 30.26
CA ALA B 305 12.04 11.56 30.34
C ALA B 305 12.07 10.48 31.41
N SER B 306 13.21 9.81 31.52
CA SER B 306 13.39 8.69 32.44
C SER B 306 13.21 9.14 33.88
N ILE B 307 13.79 10.29 34.19
CA ILE B 307 13.75 10.84 35.54
C ILE B 307 12.35 11.35 35.82
N ALA B 308 11.80 12.11 34.86
CA ALA B 308 10.44 12.61 34.95
C ALA B 308 9.50 11.44 35.24
N LEU B 309 9.51 10.43 34.38
CA LEU B 309 8.70 9.22 34.57
C LEU B 309 8.79 8.69 36.01
N ASN B 310 10.03 8.52 36.45
CA ASN B 310 10.34 8.07 37.80
C ASN B 310 9.71 8.93 38.90
N ASP B 311 9.77 10.25 38.71
CA ASP B 311 9.28 11.21 39.72
C ASP B 311 7.75 11.36 39.77
N ILE B 312 7.12 11.50 38.60
CA ILE B 312 5.66 11.59 38.50
C ILE B 312 5.01 10.34 39.11
N LEU B 313 5.62 9.19 38.87
CA LEU B 313 5.15 7.95 39.47
C LEU B 313 5.31 7.94 40.98
N ASN B 314 6.50 8.32 41.46
CA ASN B 314 6.78 8.33 42.91
C ASN B 314 6.11 9.48 43.66
N HIS B 315 5.59 10.46 42.91
CA HIS B 315 4.85 11.55 43.54
C HIS B 315 3.33 11.49 43.32
N PHE B 316 2.90 10.69 42.34
CA PHE B 316 1.47 10.40 42.20
C PHE B 316 1.11 8.94 42.44
N LYS B 317 0.55 8.66 43.62
CA LYS B 317 0.09 7.31 43.95
C LYS B 317 -1.34 7.04 43.48
N ARG B 318 -1.72 7.72 42.40
CA ARG B 318 -2.98 7.54 41.66
C ARG B 318 -3.03 8.57 40.54
N ILE B 319 -3.28 8.09 39.32
CA ILE B 319 -3.18 8.93 38.14
C ILE B 319 -4.46 8.85 37.32
N LYS B 320 -5.24 9.92 37.39
CA LYS B 320 -6.52 10.01 36.69
C LYS B 320 -6.62 11.38 36.00
N ILE B 321 -6.68 11.35 34.67
CA ILE B 321 -6.79 12.58 33.89
C ILE B 321 -8.22 13.12 33.92
N ASP B 322 -8.38 14.36 34.38
CA ASP B 322 -9.65 15.05 34.38
C ASP B 322 -9.87 15.71 33.01
N TYR B 323 -10.65 15.03 32.15
CA TYR B 323 -10.82 15.47 30.76
C TYR B 323 -11.76 16.66 30.53
N LYS B 324 -12.46 17.12 31.56
CA LYS B 324 -13.23 18.35 31.45
C LYS B 324 -12.35 19.60 31.51
N LYS B 325 -11.25 19.52 32.23
CA LYS B 325 -10.32 20.64 32.33
C LYS B 325 -9.22 20.57 31.25
N SER B 326 -8.81 19.35 30.91
CA SER B 326 -7.72 19.11 29.95
C SER B 326 -8.13 19.00 28.48
N ARG B 327 -7.26 19.51 27.59
CA ARG B 327 -7.39 19.29 26.14
C ARG B 327 -6.04 18.97 25.50
N LEU B 328 -6.09 18.31 24.35
CA LEU B 328 -4.89 18.09 23.55
C LEU B 328 -4.59 19.34 22.73
N LEU B 329 -3.34 19.47 22.29
CA LEU B 329 -2.97 20.53 21.37
C LEU B 329 -3.66 20.30 20.04
N ASP B 330 -4.13 21.36 19.40
CA ASP B 330 -4.77 21.23 18.08
C ASP B 330 -3.83 20.86 16.93
N ASN B 331 -2.76 21.63 16.77
CA ASN B 331 -1.74 21.39 15.74
C ASN B 331 -1.54 19.92 15.42
N LYS B 332 -1.83 19.56 14.16
CA LYS B 332 -1.73 18.17 13.69
C LYS B 332 -0.32 17.59 13.63
N MET B 333 0.69 18.44 13.68
CA MET B 333 2.07 18.02 13.51
C MET B 333 2.61 17.38 14.80
N VAL B 334 1.84 17.53 15.88
CA VAL B 334 2.33 17.13 17.18
C VAL B 334 1.25 16.45 17.97
N LEU B 335 1.67 15.67 18.97
CA LEU B 335 0.73 15.03 19.88
C LEU B 335 1.17 15.30 21.30
N GLY B 336 0.24 15.87 22.07
CA GLY B 336 0.51 16.34 23.41
C GLY B 336 -0.65 17.16 23.97
N TYR B 337 -0.46 17.67 25.18
CA TYR B 337 -1.47 18.43 25.90
C TYR B 337 -1.17 19.91 25.89
N ASP B 338 -2.21 20.71 25.72
CA ASP B 338 -2.12 22.13 25.98
C ASP B 338 -2.19 22.35 27.49
N LYS B 339 -3.09 21.64 28.15
CA LYS B 339 -3.24 21.74 29.60
C LYS B 339 -3.45 20.35 30.16
N LEU B 340 -2.83 20.08 31.31
CA LEU B 340 -3.03 18.79 31.97
C LEU B 340 -3.29 18.96 33.46
N PHE B 341 -4.56 18.96 33.85
CA PHE B 341 -4.96 18.93 35.27
C PHE B 341 -5.34 17.51 35.67
N LEU B 342 -4.61 16.96 36.63
CA LEU B 342 -4.81 15.58 37.04
C LEU B 342 -5.68 15.45 38.30
N SER B 343 -5.06 15.64 39.47
CA SER B 343 -5.70 15.58 40.81
C SER B 343 -6.33 14.22 41.16
N LEU C 3 12.55 -13.51 1.23
CA LEU C 3 13.22 -12.95 2.44
C LEU C 3 14.74 -13.00 2.24
N ASN C 4 15.24 -12.11 1.38
CA ASN C 4 16.67 -11.99 1.08
C ASN C 4 17.11 -10.58 0.70
N ASP C 5 17.53 -9.81 1.70
CA ASP C 5 18.03 -8.47 1.50
C ASP C 5 19.33 -8.48 0.67
N PRO C 6 19.54 -7.42 -0.15
CA PRO C 6 20.73 -7.32 -1.00
C PRO C 6 22.06 -7.55 -0.29
N VAL C 7 22.92 -8.34 -0.94
CA VAL C 7 24.24 -8.71 -0.43
C VAL C 7 25.33 -8.43 -1.46
N HIS C 8 26.51 -8.16 -0.96
CA HIS C 8 27.64 -7.82 -1.79
C HIS C 8 28.67 -8.96 -1.68
N TYR C 9 29.07 -9.58 -2.80
CA TYR C 9 30.11 -10.66 -2.72
C TYR C 9 31.00 -11.00 -3.96
N ASP C 10 31.28 -10.02 -4.81
CA ASP C 10 32.15 -10.23 -5.98
C ASP C 10 32.27 -8.92 -6.76
N GLY C 11 32.54 -7.86 -6.02
CA GLY C 11 32.51 -6.51 -6.58
C GLY C 11 31.16 -6.12 -7.16
N ALA C 12 30.08 -6.50 -6.46
CA ALA C 12 28.71 -6.18 -6.89
C ALA C 12 27.63 -6.51 -5.86
N TRP C 13 26.52 -5.77 -5.88
CA TRP C 13 25.37 -6.03 -4.99
C TRP C 13 24.41 -6.97 -5.68
N HIS C 14 23.87 -7.93 -4.95
CA HIS C 14 22.93 -8.88 -5.54
C HIS C 14 21.55 -8.65 -4.96
N VAL C 15 20.58 -8.31 -5.81
CA VAL C 15 19.24 -7.89 -5.38
C VAL C 15 18.19 -8.92 -5.79
N TYR C 16 17.59 -9.57 -4.80
CA TYR C 16 16.75 -10.73 -5.03
C TYR C 16 15.26 -10.45 -4.94
N LYS C 17 14.88 -9.56 -4.04
CA LYS C 17 13.47 -9.40 -3.68
C LYS C 17 12.74 -8.54 -4.70
N TYR C 18 11.52 -8.96 -5.05
CA TYR C 18 10.67 -8.25 -6.02
C TYR C 18 10.65 -6.75 -5.78
N SER C 19 10.12 -6.36 -4.62
CA SER C 19 10.19 -5.01 -4.09
C SER C 19 11.46 -4.25 -4.48
N ASP C 20 12.61 -4.88 -4.24
CA ASP C 20 13.91 -4.25 -4.44
C ASP C 20 14.30 -4.19 -5.94
N VAL C 21 13.89 -5.19 -6.68
CA VAL C 21 14.24 -5.25 -8.09
C VAL C 21 13.43 -4.19 -8.83
N LYS C 22 12.14 -4.12 -8.50
CA LYS C 22 11.26 -3.06 -8.96
C LYS C 22 11.86 -1.69 -8.71
N HIS C 23 12.31 -1.46 -7.48
CA HIS C 23 12.86 -0.17 -7.09
C HIS C 23 14.08 0.20 -7.89
N VAL C 24 14.97 -0.80 -8.10
CA VAL C 24 16.20 -0.59 -8.87
C VAL C 24 15.87 -0.31 -10.31
N LEU C 25 15.18 -1.23 -10.98
CA LEU C 25 14.83 -1.00 -12.38
C LEU C 25 14.00 0.28 -12.61
N MET C 26 13.14 0.65 -11.67
CA MET C 26 12.32 1.83 -11.91
C MET C 26 13.04 3.14 -11.68
N ASN C 27 14.16 3.07 -10.98
CA ASN C 27 14.97 4.25 -10.71
C ASN C 27 16.22 4.35 -11.58
N ASP C 28 15.98 4.36 -12.89
CA ASP C 28 17.01 4.51 -13.94
C ASP C 28 18.10 5.54 -13.63
N LYS C 29 17.71 6.65 -12.98
CA LYS C 29 18.63 7.76 -12.68
C LYS C 29 19.55 7.54 -11.46
N ILE C 30 19.14 6.69 -10.51
CA ILE C 30 20.04 6.22 -9.45
C ILE C 30 20.84 5.00 -9.97
N PHE C 31 20.14 4.03 -10.53
CA PHE C 31 20.80 2.84 -11.03
C PHE C 31 20.85 2.86 -12.54
N SER C 32 21.94 3.40 -13.07
CA SER C 32 22.14 3.56 -14.49
C SER C 32 22.37 2.22 -15.14
N SER C 33 22.40 2.24 -16.49
CA SER C 33 22.63 1.05 -17.29
C SER C 33 24.03 1.04 -17.91
N ASN C 34 24.86 2.03 -17.56
CA ASN C 34 26.29 2.04 -17.86
C ASN C 34 27.09 2.65 -16.71
N GLY C 43 29.19 3.85 -28.06
CA GLY C 43 29.06 2.69 -28.94
C GLY C 43 28.47 1.44 -28.27
N GLY C 44 29.08 1.07 -27.14
CA GLY C 44 28.68 -0.11 -26.34
C GLY C 44 27.80 -1.15 -27.01
N ILE C 45 26.55 -1.22 -26.55
CA ILE C 45 25.55 -2.20 -26.96
C ILE C 45 24.27 -1.45 -27.43
N SER C 46 24.47 -0.40 -28.23
CA SER C 46 23.41 0.55 -28.60
C SER C 46 22.65 1.03 -27.36
N PHE C 47 21.34 1.24 -27.49
CA PHE C 47 20.60 2.02 -26.48
C PHE C 47 20.31 1.35 -25.13
N ILE C 48 20.52 0.02 -25.05
CA ILE C 48 20.33 -0.70 -23.79
C ILE C 48 21.21 -0.15 -22.67
N THR C 49 22.39 0.34 -23.02
CA THR C 49 23.35 0.85 -22.05
C THR C 49 23.43 2.36 -22.10
N MET C 50 22.33 2.97 -22.53
CA MET C 50 22.18 4.42 -22.57
C MET C 50 21.26 4.88 -21.43
N ASP C 51 21.50 6.11 -20.96
CA ASP C 51 20.63 6.68 -19.97
C ASP C 51 19.74 7.75 -20.58
N ASN C 52 18.70 8.10 -19.82
CA ASN C 52 17.46 8.66 -20.38
C ASN C 52 17.35 10.08 -20.91
N PRO C 53 18.46 10.87 -20.95
CA PRO C 53 18.26 11.84 -22.03
C PRO C 53 18.42 11.10 -23.38
N GLU C 54 19.67 10.77 -23.73
CA GLU C 54 19.98 10.19 -25.04
C GLU C 54 19.17 8.92 -25.38
N HIS C 55 18.94 8.07 -24.38
CA HIS C 55 18.27 6.79 -24.56
C HIS C 55 16.91 6.86 -25.25
N LYS C 56 15.97 7.63 -24.72
CA LYS C 56 14.64 7.74 -25.31
C LYS C 56 14.71 8.24 -26.76
N GLU C 57 15.73 9.05 -27.05
CA GLU C 57 15.92 9.60 -28.40
C GLU C 57 16.36 8.48 -29.35
N PHE C 58 16.64 7.32 -28.78
CA PHE C 58 16.98 6.14 -29.55
C PHE C 58 15.81 5.18 -29.62
N ARG C 59 15.19 4.93 -28.47
CA ARG C 59 14.10 3.97 -28.42
C ARG C 59 12.93 4.41 -29.26
N ASP C 60 12.54 5.67 -29.14
CA ASP C 60 11.39 6.20 -29.85
C ASP C 60 11.51 6.14 -31.36
N ILE C 61 12.71 5.80 -31.85
CA ILE C 61 12.92 5.65 -33.28
C ILE C 61 12.11 4.45 -33.74
N SER C 62 12.23 3.33 -33.03
CA SER C 62 11.60 2.07 -33.46
C SER C 62 10.32 1.74 -32.70
N ALA C 63 10.19 2.31 -31.51
CA ALA C 63 9.12 1.96 -30.57
C ALA C 63 7.71 1.90 -31.18
N PRO C 64 7.34 2.87 -32.03
CA PRO C 64 5.98 2.82 -32.53
C PRO C 64 5.73 1.62 -33.44
N TYR C 65 6.78 0.88 -33.77
CA TYR C 65 6.67 -0.27 -34.68
C TYR C 65 6.58 -1.59 -33.92
N PHE C 66 6.86 -1.56 -32.62
CA PHE C 66 6.70 -2.74 -31.77
C PHE C 66 5.47 -2.60 -30.85
N LEU C 67 4.53 -1.74 -31.24
CA LEU C 67 3.26 -1.62 -30.52
C LEU C 67 2.42 -2.87 -30.77
N PRO C 68 1.68 -3.34 -29.74
CA PRO C 68 0.89 -4.55 -29.95
C PRO C 68 -0.03 -4.42 -31.16
N SER C 69 -0.61 -3.23 -31.37
CA SER C 69 -1.42 -2.92 -32.56
C SER C 69 -0.67 -3.24 -33.87
N LYS C 70 0.43 -2.52 -34.11
CA LYS C 70 1.29 -2.71 -35.28
C LYS C 70 1.88 -4.11 -35.38
N ILE C 71 2.25 -4.70 -34.24
CA ILE C 71 2.86 -6.04 -34.21
C ILE C 71 1.88 -7.13 -34.67
N ASN C 72 0.60 -6.84 -34.48
CA ASN C 72 -0.51 -7.70 -34.86
C ASN C 72 -0.54 -7.94 -36.38
N ASP C 73 -0.17 -6.91 -37.15
CA ASP C 73 -0.06 -6.96 -38.61
C ASP C 73 0.87 -8.07 -39.14
N TYR C 74 1.63 -8.71 -38.24
CA TYR C 74 2.55 -9.77 -38.64
C TYR C 74 2.06 -11.16 -38.23
N LYS C 75 0.86 -11.23 -37.66
CA LYS C 75 0.32 -12.49 -37.14
C LYS C 75 0.33 -13.63 -38.17
N ASP C 76 -0.33 -13.44 -39.31
CA ASP C 76 -0.45 -14.50 -40.31
C ASP C 76 0.90 -15.00 -40.79
N PHE C 77 1.82 -14.07 -41.05
CA PHE C 77 3.18 -14.44 -41.45
C PHE C 77 3.83 -15.36 -40.41
N ILE C 78 3.64 -15.04 -39.13
CA ILE C 78 4.22 -15.86 -38.06
C ILE C 78 3.54 -17.22 -38.01
N GLU C 79 2.23 -17.26 -38.16
CA GLU C 79 1.52 -18.54 -38.20
C GLU C 79 1.99 -19.40 -39.37
N GLU C 80 2.34 -18.74 -40.46
CA GLU C 80 2.78 -19.40 -41.70
C GLU C 80 4.22 -19.89 -41.56
N THR C 81 5.07 -19.04 -40.99
CA THR C 81 6.46 -19.39 -40.71
C THR C 81 6.50 -20.54 -39.69
N SER C 82 5.64 -20.47 -38.68
CA SER C 82 5.63 -21.50 -37.65
C SER C 82 5.19 -22.86 -38.17
N ASN C 83 4.31 -22.85 -39.17
CA ASN C 83 3.79 -24.08 -39.70
C ASN C 83 4.82 -24.73 -40.64
N ASP C 84 5.50 -23.88 -41.41
CA ASP C 84 6.57 -24.32 -42.30
C ASP C 84 7.69 -24.98 -41.52
N LEU C 85 7.92 -24.49 -40.31
CA LEU C 85 9.00 -25.00 -39.48
C LEU C 85 8.61 -26.25 -38.71
N ILE C 86 7.35 -26.33 -38.29
CA ILE C 86 6.91 -27.46 -37.48
C ILE C 86 6.68 -28.76 -38.27
N LYS C 87 6.69 -28.66 -39.60
CA LYS C 87 6.65 -29.85 -40.47
C LYS C 87 8.04 -30.48 -40.60
N ASN C 88 8.09 -31.76 -41.00
CA ASN C 88 9.35 -32.50 -41.16
C ASN C 88 10.17 -32.59 -39.84
N ILE C 89 9.61 -32.03 -38.77
CA ILE C 89 10.37 -31.77 -37.53
C ILE C 89 10.45 -32.91 -36.50
N ASP C 90 9.55 -33.87 -36.57
CA ASP C 90 9.48 -34.93 -35.57
C ASP C 90 10.80 -35.71 -35.46
N ASN C 91 11.21 -36.00 -34.21
CA ASN C 91 12.45 -36.73 -33.88
C ASN C 91 13.75 -35.97 -34.13
N LYS C 92 13.69 -34.65 -34.05
CA LYS C 92 14.87 -33.80 -34.21
C LYS C 92 15.05 -32.92 -32.97
N ASP C 93 16.08 -32.06 -33.01
CA ASP C 93 16.29 -31.06 -31.97
C ASP C 93 15.33 -29.91 -32.21
N ILE C 94 14.33 -29.80 -31.33
CA ILE C 94 13.33 -28.76 -31.43
C ILE C 94 14.01 -27.41 -31.42
N ILE C 95 15.02 -27.28 -30.56
CA ILE C 95 15.74 -26.02 -30.42
C ILE C 95 16.30 -25.65 -31.79
N SER C 96 17.23 -26.46 -32.27
CA SER C 96 17.95 -26.24 -33.52
C SER C 96 17.06 -26.11 -34.74
N GLU C 97 15.97 -26.87 -34.78
CA GLU C 97 15.13 -26.96 -35.98
C GLU C 97 13.93 -26.02 -35.97
N TYR C 98 13.45 -25.66 -34.80
CA TYR C 98 12.19 -24.94 -34.72
C TYR C 98 12.36 -23.68 -33.90
N ALA C 99 12.80 -23.86 -32.67
CA ALA C 99 12.91 -22.82 -31.68
C ALA C 99 13.97 -21.75 -31.97
N VAL C 100 15.07 -22.12 -32.60
CA VAL C 100 16.09 -21.14 -32.99
C VAL C 100 15.68 -20.39 -34.26
N ARG C 101 15.01 -21.07 -35.19
CA ARG C 101 14.71 -20.49 -36.51
C ARG C 101 13.48 -19.56 -36.54
N LEU C 102 12.44 -19.88 -35.76
CA LEU C 102 11.26 -19.01 -35.72
C LEU C 102 11.58 -17.52 -35.49
N PRO C 103 12.37 -17.19 -34.45
CA PRO C 103 12.67 -15.78 -34.25
C PRO C 103 13.58 -15.18 -35.33
N VAL C 104 14.65 -15.88 -35.74
CA VAL C 104 15.57 -15.35 -36.75
C VAL C 104 14.79 -14.85 -37.96
N ASN C 105 13.89 -15.68 -38.47
CA ASN C 105 13.18 -15.36 -39.69
C ASN C 105 12.30 -14.16 -39.45
N ILE C 106 11.51 -14.25 -38.40
CA ILE C 106 10.57 -13.22 -38.05
C ILE C 106 11.25 -11.89 -37.84
N ILE C 107 12.31 -11.87 -37.07
CA ILE C 107 13.03 -10.62 -36.86
C ILE C 107 13.52 -10.08 -38.20
N SER C 108 14.12 -10.94 -39.01
CA SER C 108 14.86 -10.50 -40.19
C SER C 108 13.97 -9.79 -41.19
N LYS C 109 12.71 -10.14 -41.19
CA LYS C 109 11.80 -9.51 -42.10
C LYS C 109 11.03 -8.33 -41.48
N ILE C 110 10.95 -8.27 -40.16
CA ILE C 110 10.53 -7.02 -39.50
C ILE C 110 11.64 -6.01 -39.77
N LEU C 111 12.88 -6.46 -39.75
CA LEU C 111 14.01 -5.60 -40.04
C LEU C 111 14.00 -5.16 -41.49
N GLY C 112 13.58 -6.05 -42.40
CA GLY C 112 13.53 -5.75 -43.82
C GLY C 112 14.35 -6.67 -44.70
N ILE C 113 15.37 -7.31 -44.10
CA ILE C 113 16.31 -8.19 -44.81
C ILE C 113 15.74 -8.84 -46.08
N PRO C 114 16.32 -8.52 -47.25
CA PRO C 114 15.83 -9.09 -48.51
C PRO C 114 15.88 -10.62 -48.52
N ASP C 115 14.85 -11.22 -49.11
CA ASP C 115 14.76 -12.67 -49.22
C ASP C 115 16.05 -13.36 -49.72
N SER C 116 16.75 -12.72 -50.66
CA SER C 116 17.95 -13.29 -51.28
C SER C 116 19.19 -13.40 -50.38
N ASP C 117 19.25 -12.62 -49.31
CA ASP C 117 20.44 -12.55 -48.44
C ASP C 117 20.17 -13.04 -46.99
N MET C 118 19.10 -13.82 -46.85
CA MET C 118 18.74 -14.50 -45.63
C MET C 118 19.79 -15.51 -45.18
N PRO C 119 20.20 -16.43 -46.08
CA PRO C 119 21.23 -17.40 -45.70
C PRO C 119 22.38 -16.80 -44.91
N LEU C 120 22.89 -15.65 -45.35
CA LEU C 120 24.02 -15.00 -44.67
C LEU C 120 23.62 -14.35 -43.34
N PHE C 121 22.43 -13.77 -43.32
CA PHE C 121 21.95 -13.01 -42.18
C PHE C 121 21.74 -13.91 -40.96
N LYS C 122 21.19 -15.10 -41.24
CA LYS C 122 21.11 -16.22 -40.29
C LYS C 122 22.49 -16.58 -39.74
N LEU C 123 23.45 -16.87 -40.63
CA LEU C 123 24.80 -17.20 -40.18
C LEU C 123 25.36 -16.10 -39.27
N TRP C 124 25.13 -14.85 -39.69
CA TRP C 124 25.63 -13.70 -38.96
C TRP C 124 24.95 -13.60 -37.64
N SER C 125 23.70 -14.04 -37.58
CA SER C 125 22.93 -13.91 -36.36
C SER C 125 23.49 -14.91 -35.36
N ASP C 126 23.79 -16.10 -35.85
CA ASP C 126 24.42 -17.10 -35.01
C ASP C 126 25.78 -16.72 -34.45
N TYR C 127 26.62 -16.04 -35.22
CA TYR C 127 27.84 -15.52 -34.63
C TYR C 127 27.49 -14.49 -33.55
N ILE C 128 26.61 -13.56 -33.91
CA ILE C 128 26.36 -12.36 -33.12
C ILE C 128 25.62 -12.64 -31.82
N ILE C 129 24.78 -13.67 -31.81
CA ILE C 129 24.00 -14.05 -30.62
C ILE C 129 24.66 -15.15 -29.80
N GLY C 130 25.82 -15.64 -30.23
CA GLY C 130 26.58 -16.56 -29.40
C GLY C 130 26.84 -17.96 -29.92
N ASN C 131 26.01 -18.45 -30.84
CA ASN C 131 26.01 -19.87 -31.26
C ASN C 131 27.10 -20.30 -32.23
N LYS C 132 27.69 -19.34 -32.93
CA LYS C 132 28.88 -19.65 -33.73
C LYS C 132 30.07 -18.98 -33.08
N ARG C 133 31.18 -19.71 -33.09
CA ARG C 133 32.47 -19.24 -32.60
C ARG C 133 33.47 -19.92 -33.48
N ASP C 134 34.22 -19.15 -34.26
CA ASP C 134 34.80 -19.68 -35.48
C ASP C 134 35.99 -18.87 -35.94
N GLU C 135 36.71 -19.42 -36.90
CA GLU C 135 37.75 -18.71 -37.65
C GLU C 135 37.18 -17.96 -38.88
N ASN C 136 35.86 -17.78 -38.92
CA ASN C 136 35.21 -17.11 -40.03
C ASN C 136 34.41 -15.90 -39.55
N PHE C 137 34.46 -15.62 -38.24
CA PHE C 137 33.63 -14.54 -37.67
C PHE C 137 33.90 -13.16 -38.27
N ASN C 138 35.13 -12.93 -38.70
CA ASN C 138 35.47 -11.66 -39.30
C ASN C 138 34.86 -11.53 -40.69
N TYR C 139 35.20 -12.43 -41.60
CA TYR C 139 34.58 -12.44 -42.91
C TYR C 139 33.11 -12.19 -42.71
N VAL C 140 32.40 -13.21 -42.22
CA VAL C 140 30.96 -13.09 -42.02
C VAL C 140 30.55 -11.74 -41.49
N ASN C 141 31.19 -11.26 -40.43
CA ASN C 141 30.76 -9.98 -39.84
C ASN C 141 31.10 -8.72 -40.67
N ASN C 142 32.31 -8.67 -41.26
CA ASN C 142 32.63 -7.69 -42.29
C ASN C 142 31.54 -7.71 -43.35
N ARG C 143 31.57 -8.76 -44.15
CA ARG C 143 30.53 -9.11 -45.07
C ARG C 143 29.24 -8.43 -44.72
N MET C 144 28.57 -8.96 -43.72
CA MET C 144 27.24 -8.55 -43.34
C MET C 144 27.08 -7.05 -43.15
N VAL C 145 28.10 -6.39 -42.59
CA VAL C 145 28.03 -4.95 -42.37
C VAL C 145 28.06 -4.24 -43.72
N SER C 146 28.90 -4.71 -44.62
CA SER C 146 28.95 -4.18 -45.97
C SER C 146 27.70 -4.47 -46.80
N ARG C 147 26.94 -5.50 -46.44
CA ARG C 147 25.70 -5.76 -47.13
C ARG C 147 24.57 -4.92 -46.50
N LEU C 148 24.77 -4.48 -45.27
CA LEU C 148 23.75 -3.74 -44.58
C LEU C 148 23.77 -2.25 -44.96
N LEU C 149 24.98 -1.73 -45.09
CA LEU C 149 25.22 -0.42 -45.66
C LEU C 149 24.53 -0.30 -47.02
N GLU C 150 24.66 -1.32 -47.86
CA GLU C 150 23.99 -1.39 -49.16
C GLU C 150 22.47 -1.30 -49.04
N ILE C 151 21.90 -2.03 -48.08
CA ILE C 151 20.46 -2.02 -47.89
C ILE C 151 19.95 -0.63 -47.45
N PHE C 152 20.59 -0.04 -46.44
CA PHE C 152 20.30 1.32 -45.98
C PHE C 152 20.04 2.28 -47.14
N LYS C 153 20.86 2.13 -48.19
CA LYS C 153 20.79 2.94 -49.36
C LYS C 153 19.51 2.66 -50.17
N SER C 154 19.20 1.38 -50.35
CA SER C 154 18.09 0.95 -51.22
C SER C 154 16.71 1.42 -50.76
N ASP C 155 15.72 1.29 -51.65
CA ASP C 155 14.31 1.38 -51.26
C ASP C 155 13.99 0.15 -50.40
N SER C 156 14.12 0.34 -49.09
CA SER C 156 14.06 -0.76 -48.14
C SER C 156 12.75 -0.70 -47.37
N HIS C 157 12.23 -1.84 -46.91
CA HIS C 157 11.11 -1.83 -45.95
C HIS C 157 11.61 -2.11 -44.51
N GLY C 158 10.66 -2.20 -43.57
CA GLY C 158 10.95 -2.56 -42.19
C GLY C 158 11.80 -1.56 -41.43
N ILE C 159 12.37 -2.02 -40.33
CA ILE C 159 13.11 -1.15 -39.43
C ILE C 159 14.37 -0.54 -40.06
N ILE C 160 15.09 -1.32 -40.85
CA ILE C 160 16.31 -0.88 -41.52
C ILE C 160 16.06 0.41 -42.32
N ASN C 161 14.83 0.57 -42.77
CA ASN C 161 14.43 1.75 -43.50
C ASN C 161 14.16 2.90 -42.54
N VAL C 162 13.38 2.63 -41.50
CA VAL C 162 13.09 3.63 -40.49
C VAL C 162 14.42 4.26 -40.10
N LEU C 163 15.36 3.42 -39.67
CA LEU C 163 16.72 3.85 -39.34
C LEU C 163 17.36 4.61 -40.48
N ALA C 164 17.35 3.99 -41.67
CA ALA C 164 18.08 4.48 -42.86
C ALA C 164 18.45 5.96 -42.81
N GLY C 165 17.45 6.82 -42.68
CA GLY C 165 17.67 8.25 -42.50
C GLY C 165 16.73 8.87 -41.49
N SER C 166 17.05 8.72 -40.21
CA SER C 166 16.28 9.40 -39.16
C SER C 166 17.00 9.39 -37.81
N SER C 167 16.62 10.33 -36.94
CA SER C 167 17.13 10.43 -35.56
C SER C 167 16.14 11.17 -34.68
N LEU C 168 16.54 11.45 -33.44
CA LEU C 168 15.83 12.46 -32.62
C LEU C 168 16.79 13.52 -32.07
N LYS C 169 16.71 14.71 -32.68
CA LYS C 169 17.28 16.00 -32.17
C LYS C 169 18.73 16.37 -32.55
N ASN C 170 18.85 17.27 -33.54
CA ASN C 170 20.10 17.94 -33.94
C ASN C 170 21.31 17.13 -34.44
N ARG C 171 21.38 15.83 -34.09
CA ARG C 171 22.55 14.98 -34.40
C ARG C 171 22.20 13.79 -35.30
N LYS C 172 22.81 13.76 -36.49
CA LYS C 172 22.59 12.65 -37.42
C LYS C 172 23.31 11.41 -36.92
N LEU C 173 22.59 10.29 -36.95
CA LEU C 173 23.11 8.99 -36.53
C LEU C 173 24.24 8.49 -37.42
N THR C 174 25.25 7.92 -36.79
CA THR C 174 26.35 7.30 -37.52
C THR C 174 25.85 6.01 -38.19
N MET C 175 26.44 5.70 -39.33
CA MET C 175 26.25 4.42 -40.01
C MET C 175 26.66 3.26 -39.11
N ASP C 176 27.80 3.44 -38.44
CA ASP C 176 28.27 2.51 -37.40
C ASP C 176 27.37 2.46 -36.15
N GLU C 177 26.53 3.49 -35.97
CA GLU C 177 25.52 3.47 -34.90
C GLU C 177 24.32 2.65 -35.32
N LYS C 178 23.81 2.92 -36.52
CA LYS C 178 22.67 2.19 -37.08
C LYS C 178 22.87 0.67 -37.07
N ILE C 179 24.10 0.22 -37.37
CA ILE C 179 24.45 -1.21 -37.32
C ILE C 179 24.25 -1.78 -35.94
N LYS C 180 24.79 -1.09 -34.93
CA LYS C 180 24.66 -1.53 -33.52
C LYS C 180 23.20 -1.55 -33.07
N TYR C 181 22.38 -0.66 -33.61
CA TYR C 181 20.94 -0.64 -33.37
C TYR C 181 20.29 -1.92 -33.89
N ILE C 182 20.57 -2.24 -35.16
CA ILE C 182 20.11 -3.49 -35.78
C ILE C 182 20.49 -4.64 -34.88
N MET C 183 21.78 -4.74 -34.56
CA MET C 183 22.30 -5.78 -33.69
C MET C 183 21.51 -5.95 -32.41
N LEU C 184 21.23 -4.84 -31.74
CA LEU C 184 20.51 -4.89 -30.48
C LEU C 184 19.19 -5.59 -30.71
N LEU C 185 18.49 -5.24 -31.77
CA LEU C 185 17.22 -5.91 -32.07
C LEU C 185 17.39 -7.42 -32.24
N ILE C 186 18.42 -7.83 -32.99
CA ILE C 186 18.65 -9.24 -33.26
C ILE C 186 18.90 -10.00 -31.97
N ILE C 187 19.73 -9.43 -31.12
CA ILE C 187 20.14 -10.12 -29.91
C ILE C 187 19.07 -10.06 -28.80
N GLY C 188 18.37 -8.92 -28.69
CA GLY C 188 17.27 -8.83 -27.74
C GLY C 188 16.35 -10.01 -27.98
N GLY C 189 15.85 -10.12 -29.22
CA GLY C 189 14.82 -11.08 -29.57
C GLY C 189 15.21 -12.55 -29.56
N ASN C 190 16.25 -12.88 -30.31
CA ASN C 190 16.58 -14.26 -30.68
C ASN C 190 16.67 -15.30 -29.58
N GLU C 191 17.75 -15.28 -28.80
CA GLU C 191 17.99 -16.33 -27.80
C GLU C 191 16.93 -16.39 -26.69
N THR C 192 16.36 -15.26 -26.34
CA THR C 192 15.31 -15.22 -25.30
C THR C 192 14.06 -15.96 -25.71
N THR C 193 13.60 -15.68 -26.93
CA THR C 193 12.35 -16.24 -27.44
C THR C 193 12.50 -17.76 -27.53
N THR C 194 13.64 -18.18 -28.07
CA THR C 194 13.99 -19.55 -28.19
C THR C 194 13.94 -20.22 -26.84
N ASN C 195 14.53 -19.58 -25.86
CA ASN C 195 14.54 -20.16 -24.54
C ASN C 195 13.13 -20.25 -23.97
N LEU C 196 12.32 -19.22 -24.19
CA LEU C 196 10.94 -19.29 -23.72
C LEU C 196 10.18 -20.50 -24.29
N ILE C 197 10.37 -20.77 -25.58
CA ILE C 197 9.62 -21.84 -26.21
C ILE C 197 9.93 -23.22 -25.59
N GLY C 198 11.21 -23.52 -25.41
CA GLY C 198 11.60 -24.72 -24.71
C GLY C 198 11.17 -24.68 -23.27
N ASN C 199 11.15 -23.47 -22.71
CA ASN C 199 10.65 -23.28 -21.35
C ASN C 199 9.14 -23.52 -21.21
N MET C 200 8.38 -23.36 -22.29
CA MET C 200 6.97 -23.79 -22.25
C MET C 200 6.84 -25.31 -22.31
N ILE C 201 7.66 -25.94 -23.15
CA ILE C 201 7.63 -27.40 -23.32
C ILE C 201 7.96 -28.13 -22.01
N ARG C 202 8.89 -27.57 -21.25
CA ARG C 202 9.26 -28.15 -19.97
C ARG C 202 8.07 -28.09 -19.01
N VAL C 203 7.35 -26.97 -19.03
CA VAL C 203 6.12 -26.79 -18.22
C VAL C 203 5.10 -27.86 -18.53
N ILE C 204 4.88 -28.13 -19.80
CA ILE C 204 3.90 -29.17 -20.18
C ILE C 204 4.34 -30.57 -19.80
N ASP C 205 5.63 -30.87 -20.01
CA ASP C 205 6.20 -32.15 -19.60
C ASP C 205 6.02 -32.34 -18.11
N GLU C 206 6.43 -31.34 -17.33
CA GLU C 206 6.32 -31.40 -15.87
C GLU C 206 4.88 -31.36 -15.36
N ASN C 207 3.96 -30.78 -16.15
CA ASN C 207 2.57 -30.73 -15.76
C ASN C 207 1.63 -31.17 -16.89
N PRO C 208 1.44 -32.50 -17.06
CA PRO C 208 0.74 -33.01 -18.24
C PRO C 208 -0.79 -32.84 -18.17
N ASP C 209 -1.35 -32.78 -16.98
CA ASP C 209 -2.80 -32.61 -16.84
C ASP C 209 -3.25 -31.19 -17.15
N ILE C 210 -2.34 -30.41 -17.74
CA ILE C 210 -2.54 -28.97 -17.91
C ILE C 210 -2.63 -28.53 -19.38
N ILE C 211 -2.42 -29.46 -20.30
CA ILE C 211 -2.60 -29.19 -21.73
C ILE C 211 -3.97 -28.58 -21.99
N ASP C 212 -5.01 -29.23 -21.49
CA ASP C 212 -6.39 -28.78 -21.62
C ASP C 212 -6.58 -27.28 -21.39
N ASP C 213 -5.96 -26.75 -20.33
CA ASP C 213 -6.10 -25.33 -19.97
C ASP C 213 -5.20 -24.43 -20.80
N ALA C 214 -4.05 -24.96 -21.23
CA ALA C 214 -3.06 -24.18 -21.98
C ALA C 214 -3.65 -23.71 -23.31
N LEU C 215 -4.36 -24.62 -23.98
CA LEU C 215 -5.21 -24.26 -25.12
C LEU C 215 -6.26 -23.19 -24.74
N LYS C 216 -6.90 -23.35 -23.58
CA LYS C 216 -7.98 -22.45 -23.17
C LYS C 216 -7.54 -21.01 -22.84
N ASN C 217 -6.24 -20.80 -22.62
CA ASN C 217 -5.65 -19.45 -22.62
C ASN C 217 -4.15 -19.36 -22.95
N ARG C 218 -3.84 -19.23 -24.24
CA ARG C 218 -2.47 -19.03 -24.70
C ARG C 218 -1.79 -17.83 -24.04
N SER C 219 -2.48 -16.67 -24.06
CA SER C 219 -1.95 -15.44 -23.50
C SER C 219 -1.47 -15.64 -22.06
N GLY C 220 -2.31 -16.32 -21.26
CA GLY C 220 -2.02 -16.60 -19.86
C GLY C 220 -0.92 -17.63 -19.65
N PHE C 221 -0.89 -18.68 -20.47
CA PHE C 221 0.17 -19.68 -20.36
C PHE C 221 1.55 -19.07 -20.58
N VAL C 222 1.68 -18.26 -21.63
CA VAL C 222 2.89 -17.49 -21.88
C VAL C 222 3.25 -16.67 -20.62
N GLU C 223 2.30 -15.86 -20.13
CA GLU C 223 2.58 -15.03 -18.96
C GLU C 223 3.08 -15.87 -17.80
N GLU C 224 2.36 -16.95 -17.47
CA GLU C 224 2.83 -17.81 -16.39
C GLU C 224 4.13 -18.57 -16.75
N THR C 225 4.47 -18.70 -18.02
CA THR C 225 5.78 -19.30 -18.33
C THR C 225 6.87 -18.29 -18.09
N LEU C 226 6.74 -17.13 -18.74
CA LEU C 226 7.66 -16.01 -18.51
C LEU C 226 7.89 -15.83 -17.02
N ARG C 227 6.84 -16.05 -16.24
CA ARG C 227 6.93 -15.91 -14.79
C ARG C 227 7.70 -17.06 -14.13
N TYR C 228 7.32 -18.30 -14.43
CA TYR C 228 7.85 -19.49 -13.76
C TYR C 228 9.27 -19.80 -14.22
N TYR C 229 9.50 -19.77 -15.52
CA TYR C 229 10.82 -20.13 -16.05
C TYR C 229 11.32 -18.98 -16.89
N SER C 230 11.59 -17.87 -16.20
CA SER C 230 12.03 -16.62 -16.82
C SER C 230 13.29 -16.88 -17.60
N PRO C 231 13.25 -16.60 -18.91
CA PRO C 231 14.36 -16.84 -19.83
C PRO C 231 15.66 -16.11 -19.44
N ILE C 232 15.56 -14.86 -19.00
CA ILE C 232 16.68 -14.09 -18.46
C ILE C 232 16.54 -14.06 -16.93
N GLN C 233 17.51 -14.67 -16.25
CA GLN C 233 17.46 -14.89 -14.81
C GLN C 233 17.87 -13.68 -13.97
N PHE C 234 18.83 -12.92 -14.50
CA PHE C 234 19.31 -11.72 -13.83
C PHE C 234 19.79 -10.66 -14.83
N LEU C 235 19.85 -9.41 -14.37
CA LEU C 235 20.40 -8.32 -15.17
C LEU C 235 21.59 -7.72 -14.44
N PRO C 236 22.80 -7.96 -14.92
CA PRO C 236 24.00 -7.54 -14.19
C PRO C 236 24.44 -6.08 -14.38
N HIS C 237 24.15 -5.45 -15.51
CA HIS C 237 24.84 -4.21 -15.83
C HIS C 237 24.13 -2.90 -15.43
N ARG C 238 24.06 -2.69 -14.11
CA ARG C 238 23.63 -1.43 -13.53
C ARG C 238 24.72 -0.90 -12.63
N PHE C 239 24.76 0.42 -12.48
CA PHE C 239 25.82 1.08 -11.72
C PHE C 239 25.25 2.35 -11.12
N ALA C 240 25.75 2.71 -9.94
CA ALA C 240 25.17 3.83 -9.20
C ALA C 240 25.74 5.17 -9.67
N ALA C 241 24.86 6.06 -10.10
CA ALA C 241 25.26 7.40 -10.54
C ALA C 241 25.68 8.23 -9.34
N GLU C 242 25.03 7.99 -8.20
CA GLU C 242 25.42 8.57 -6.93
C GLU C 242 25.14 7.62 -5.74
N ASP C 243 25.57 8.04 -4.55
CA ASP C 243 25.20 7.39 -3.31
C ASP C 243 23.68 7.20 -3.24
N SER C 244 23.27 6.11 -2.60
CA SER C 244 21.85 5.85 -2.34
C SER C 244 21.73 4.65 -1.42
N TYR C 245 20.59 4.57 -0.72
CA TYR C 245 20.33 3.50 0.23
C TYR C 245 19.22 2.61 -0.28
N ILE C 246 19.33 1.31 0.00
CA ILE C 246 18.22 0.38 -0.18
C ILE C 246 18.09 -0.39 1.11
N ASN C 247 16.91 -0.26 1.73
CA ASN C 247 16.68 -0.71 3.11
C ASN C 247 17.99 -0.97 3.87
N ASN C 248 18.48 0.05 4.54
CA ASN C 248 19.72 -0.03 5.34
C ASN C 248 21.03 -0.01 4.56
N LYS C 249 21.14 -0.81 3.50
CA LYS C 249 22.41 -0.99 2.80
C LYS C 249 22.80 0.26 2.03
N LYS C 250 23.91 0.88 2.42
CA LYS C 250 24.47 1.98 1.63
C LYS C 250 25.11 1.45 0.35
N ILE C 251 24.50 1.76 -0.80
CA ILE C 251 25.08 1.43 -2.09
C ILE C 251 25.81 2.65 -2.67
N LYS C 252 27.13 2.56 -2.77
CA LYS C 252 27.97 3.72 -3.07
C LYS C 252 28.07 4.09 -4.55
N LYS C 253 28.41 5.34 -4.83
CA LYS C 253 28.62 5.79 -6.20
C LYS C 253 29.72 4.97 -6.89
N GLY C 254 29.30 4.15 -7.87
CA GLY C 254 30.22 3.30 -8.61
C GLY C 254 29.91 1.82 -8.54
N ASP C 255 29.23 1.39 -7.47
CA ASP C 255 28.95 -0.02 -7.23
C ASP C 255 28.02 -0.65 -8.24
N GLN C 256 28.41 -1.82 -8.73
CA GLN C 256 27.59 -2.61 -9.64
C GLN C 256 26.45 -3.22 -8.83
N VAL C 257 25.24 -3.18 -9.37
CA VAL C 257 24.15 -3.86 -8.69
C VAL C 257 23.50 -4.84 -9.65
N ILE C 258 23.35 -6.09 -9.21
CA ILE C 258 22.78 -7.15 -10.05
C ILE C 258 21.38 -7.50 -9.55
N VAL C 259 20.40 -7.45 -10.43
CA VAL C 259 19.03 -7.79 -10.02
C VAL C 259 18.66 -9.11 -10.65
N TYR C 260 18.09 -9.99 -9.84
CA TYR C 260 17.71 -11.32 -10.27
C TYR C 260 16.21 -11.38 -10.55
N LEU C 261 15.85 -11.47 -11.83
CA LEU C 261 14.46 -11.47 -12.24
C LEU C 261 13.73 -12.76 -11.87
N GLY C 262 14.41 -13.88 -12.10
CA GLY C 262 13.87 -15.20 -11.82
C GLY C 262 13.39 -15.39 -10.39
N SER C 263 14.14 -14.86 -9.41
CA SER C 263 13.82 -15.08 -8.01
C SER C 263 12.85 -14.05 -7.49
N ALA C 264 12.88 -12.86 -8.08
CA ALA C 264 11.91 -11.81 -7.83
C ALA C 264 10.53 -12.26 -8.27
N ASN C 265 10.50 -13.06 -9.33
CA ASN C 265 9.27 -13.64 -9.82
C ASN C 265 8.84 -14.82 -8.98
N ARG C 266 9.60 -15.12 -7.93
CA ARG C 266 9.18 -16.12 -6.94
C ARG C 266 9.05 -15.52 -5.54
N ASP C 267 8.91 -14.19 -5.51
CA ASP C 267 8.65 -13.46 -4.28
C ASP C 267 7.21 -13.66 -3.85
N GLU C 268 7.04 -14.19 -2.64
CA GLU C 268 5.74 -14.51 -2.07
C GLU C 268 5.02 -13.28 -1.54
N THR C 269 5.72 -12.16 -1.52
CA THR C 269 5.14 -10.88 -1.09
C THR C 269 4.29 -10.33 -2.22
N PHE C 270 4.68 -10.66 -3.44
CA PHE C 270 3.97 -10.24 -4.64
C PHE C 270 3.29 -11.41 -5.35
N PHE C 271 3.60 -12.64 -4.94
CA PHE C 271 2.96 -13.80 -5.54
C PHE C 271 2.43 -14.81 -4.57
N ASP C 272 1.18 -15.19 -4.79
CA ASP C 272 0.55 -16.28 -4.06
C ASP C 272 1.18 -17.60 -4.47
N GLU C 273 1.49 -18.43 -3.47
CA GLU C 273 2.23 -19.70 -3.68
C GLU C 273 3.15 -19.72 -4.92
N PRO C 274 4.17 -18.86 -4.94
CA PRO C 274 4.93 -18.61 -6.17
C PRO C 274 5.63 -19.82 -6.76
N ASP C 275 5.68 -20.94 -6.05
CA ASP C 275 6.33 -22.12 -6.64
C ASP C 275 5.36 -23.03 -7.37
N LEU C 276 4.06 -22.75 -7.21
CA LEU C 276 3.03 -23.39 -8.03
C LEU C 276 2.99 -22.72 -9.40
N PHE C 277 2.87 -23.50 -10.47
CA PHE C 277 2.63 -22.90 -11.79
C PHE C 277 1.12 -22.64 -11.96
N LYS C 278 0.72 -21.37 -11.96
CA LYS C 278 -0.72 -20.99 -11.96
C LYS C 278 -1.11 -19.89 -12.97
N ILE C 279 -1.91 -20.27 -13.96
CA ILE C 279 -2.32 -19.37 -15.05
C ILE C 279 -3.27 -18.24 -14.61
N GLY C 280 -3.11 -17.07 -15.23
CA GLY C 280 -3.94 -15.90 -14.96
C GLY C 280 -3.73 -15.23 -13.60
N ARG C 281 -2.50 -15.21 -13.10
CA ARG C 281 -2.16 -14.57 -11.80
C ARG C 281 -2.43 -13.06 -11.83
N ARG C 282 -2.89 -12.52 -10.69
CA ARG C 282 -3.31 -11.13 -10.62
C ARG C 282 -2.15 -10.14 -10.83
N GLU C 283 -0.94 -10.56 -10.45
CA GLU C 283 0.20 -9.64 -10.41
C GLU C 283 1.16 -9.80 -11.58
N MET C 284 1.70 -8.65 -12.01
CA MET C 284 2.71 -8.53 -13.05
C MET C 284 4.01 -9.25 -12.69
N HIS C 285 4.68 -9.81 -13.70
CA HIS C 285 5.99 -10.44 -13.51
C HIS C 285 7.07 -9.51 -14.00
N LEU C 286 8.31 -9.74 -13.63
CA LEU C 286 9.37 -8.88 -14.12
C LEU C 286 10.31 -9.50 -15.18
N ALA C 287 9.86 -10.54 -15.88
CA ALA C 287 10.69 -11.19 -16.90
C ALA C 287 11.15 -10.28 -18.03
N PHE C 288 10.35 -9.24 -18.34
CA PHE C 288 10.69 -8.22 -19.32
C PHE C 288 11.27 -6.94 -18.72
N GLY C 289 11.62 -6.98 -17.45
CA GLY C 289 12.02 -5.78 -16.72
C GLY C 289 10.79 -4.92 -16.48
N ILE C 290 11.03 -3.62 -16.32
CA ILE C 290 10.04 -2.61 -15.99
C ILE C 290 10.75 -1.25 -15.94
N GLY C 291 10.00 -0.17 -16.10
CA GLY C 291 10.61 1.13 -16.26
C GLY C 291 11.05 1.41 -17.70
N ILE C 292 12.06 2.26 -17.83
CA ILE C 292 12.37 2.85 -19.13
C ILE C 292 12.97 1.85 -20.11
N HIS C 293 13.63 0.81 -19.59
CA HIS C 293 14.21 -0.20 -20.49
C HIS C 293 13.35 -1.42 -20.67
N MET C 294 12.20 -1.49 -20.00
CA MET C 294 11.29 -2.61 -20.25
C MET C 294 11.33 -3.02 -21.73
N CYS C 295 11.39 -4.32 -21.95
CA CYS C 295 11.53 -4.92 -23.25
C CYS C 295 10.73 -4.25 -24.35
N LEU C 296 11.44 -3.83 -25.38
CA LEU C 296 10.81 -3.23 -26.54
C LEU C 296 10.10 -4.29 -27.38
N GLY C 297 10.62 -5.52 -27.37
CA GLY C 297 10.11 -6.59 -28.24
C GLY C 297 9.10 -7.52 -27.60
N ALA C 298 8.52 -7.08 -26.49
CA ALA C 298 7.59 -7.88 -25.72
C ALA C 298 6.33 -8.25 -26.49
N PRO C 299 5.63 -7.27 -27.09
CA PRO C 299 4.43 -7.69 -27.82
C PRO C 299 4.72 -8.76 -28.89
N LEU C 300 5.94 -8.78 -29.42
CA LEU C 300 6.24 -9.72 -30.46
C LEU C 300 6.70 -11.03 -29.87
N ALA C 301 7.33 -10.95 -28.69
CA ALA C 301 7.70 -12.15 -27.97
C ALA C 301 6.43 -12.80 -27.48
N ARG C 302 5.53 -11.97 -26.95
CA ARG C 302 4.19 -12.40 -26.57
C ARG C 302 3.47 -13.07 -27.73
N LEU C 303 3.69 -12.59 -28.94
CA LEU C 303 2.97 -13.13 -30.11
C LEU C 303 3.61 -14.36 -30.75
N GLU C 304 4.94 -14.37 -30.91
CA GLU C 304 5.63 -15.55 -31.45
C GLU C 304 5.36 -16.73 -30.54
N ALA C 305 5.33 -16.48 -29.23
CA ALA C 305 5.15 -17.52 -28.20
C ALA C 305 3.77 -18.17 -28.23
N SER C 306 2.73 -17.35 -28.31
CA SER C 306 1.33 -17.79 -28.41
C SER C 306 1.10 -18.82 -29.53
N ILE C 307 1.50 -18.44 -30.73
CA ILE C 307 1.44 -19.28 -31.91
C ILE C 307 2.30 -20.54 -31.75
N ALA C 308 3.56 -20.35 -31.39
CA ALA C 308 4.47 -21.47 -31.11
C ALA C 308 3.87 -22.51 -30.16
N LEU C 309 3.16 -22.03 -29.14
CA LEU C 309 2.60 -22.87 -28.10
C LEU C 309 1.52 -23.75 -28.68
N ASN C 310 0.55 -23.11 -29.33
CA ASN C 310 -0.58 -23.78 -29.97
C ASN C 310 -0.12 -24.91 -30.87
N ASP C 311 0.81 -24.60 -31.78
CA ASP C 311 1.31 -25.53 -32.79
C ASP C 311 2.00 -26.77 -32.20
N ILE C 312 2.69 -26.58 -31.08
CA ILE C 312 3.41 -27.66 -30.42
C ILE C 312 2.45 -28.60 -29.69
N LEU C 313 1.42 -28.01 -29.08
CA LEU C 313 0.35 -28.79 -28.46
C LEU C 313 -0.52 -29.43 -29.53
N ASN C 314 -0.72 -28.71 -30.62
CA ASN C 314 -1.57 -29.13 -31.74
C ASN C 314 -0.93 -30.21 -32.59
N HIS C 315 0.40 -30.17 -32.71
CA HIS C 315 1.14 -31.09 -33.57
C HIS C 315 1.53 -32.40 -32.88
N PHE C 316 2.21 -32.30 -31.75
CA PHE C 316 2.73 -33.48 -31.06
C PHE C 316 1.67 -34.28 -30.32
N LYS C 317 1.73 -35.60 -30.50
CA LYS C 317 0.79 -36.52 -29.85
C LYS C 317 1.02 -36.57 -28.35
N ARG C 318 2.25 -36.90 -27.94
CA ARG C 318 2.63 -36.81 -26.54
C ARG C 318 3.82 -35.89 -26.38
N ILE C 319 3.74 -35.00 -25.41
CA ILE C 319 4.89 -34.17 -25.04
C ILE C 319 5.65 -34.83 -23.89
N LYS C 320 6.67 -35.60 -24.24
CA LYS C 320 7.51 -36.22 -23.22
C LYS C 320 8.98 -35.92 -23.52
N ILE C 321 9.65 -35.25 -22.59
CA ILE C 321 11.05 -34.87 -22.81
C ILE C 321 12.00 -36.04 -22.61
N ASP C 322 12.79 -36.30 -23.64
CA ASP C 322 13.77 -37.35 -23.61
C ASP C 322 15.01 -36.83 -22.90
N TYR C 323 15.11 -37.08 -21.60
CA TYR C 323 16.32 -36.70 -20.88
C TYR C 323 17.41 -37.75 -21.06
N LYS C 324 17.48 -38.29 -22.26
CA LYS C 324 18.65 -38.99 -22.72
C LYS C 324 19.50 -37.98 -23.49
N LYS C 325 18.86 -37.21 -24.39
CA LYS C 325 19.58 -36.28 -25.28
C LYS C 325 19.25 -34.80 -25.03
N SER C 326 18.41 -34.54 -24.04
CA SER C 326 18.03 -33.17 -23.73
C SER C 326 18.99 -32.56 -22.72
N ARG C 327 19.43 -31.33 -23.00
CA ARG C 327 20.36 -30.62 -22.11
C ARG C 327 19.95 -29.18 -21.84
N LEU C 328 20.10 -28.78 -20.58
CA LEU C 328 19.88 -27.41 -20.14
C LEU C 328 21.17 -26.58 -20.28
N LEU C 329 21.02 -25.34 -20.76
CA LEU C 329 22.13 -24.40 -20.98
C LEU C 329 23.00 -24.11 -19.74
N ASP C 330 24.30 -23.95 -19.99
CA ASP C 330 25.35 -23.64 -18.99
C ASP C 330 25.10 -22.34 -18.21
N ASN C 331 24.88 -21.25 -18.94
CA ASN C 331 24.89 -19.88 -18.43
C ASN C 331 23.81 -19.63 -17.38
N LYS C 332 24.24 -19.21 -16.18
CA LYS C 332 23.38 -18.94 -15.04
C LYS C 332 22.49 -17.76 -15.34
N MET C 333 22.99 -16.89 -16.23
CA MET C 333 22.28 -15.70 -16.66
C MET C 333 21.03 -15.97 -17.49
N VAL C 334 20.97 -17.14 -18.12
CA VAL C 334 19.79 -17.54 -18.89
C VAL C 334 19.20 -18.85 -18.37
N LEU C 335 17.93 -19.08 -18.74
CA LEU C 335 17.26 -20.35 -18.53
C LEU C 335 16.66 -20.81 -19.85
N GLY C 336 17.09 -21.98 -20.33
CA GLY C 336 16.66 -22.46 -21.62
C GLY C 336 17.37 -23.74 -21.96
N TYR C 337 16.80 -24.52 -22.88
CA TYR C 337 17.45 -25.75 -23.32
C TYR C 337 18.52 -25.51 -24.36
N ASP C 338 19.60 -26.29 -24.26
CA ASP C 338 20.64 -26.26 -25.27
C ASP C 338 20.22 -27.20 -26.39
N LYS C 339 19.65 -28.35 -26.00
CA LYS C 339 19.08 -29.36 -26.91
C LYS C 339 17.77 -29.83 -26.29
N LEU C 340 16.74 -30.01 -27.11
CA LEU C 340 15.45 -30.55 -26.63
C LEU C 340 14.84 -31.59 -27.56
N PHE C 341 14.68 -32.82 -27.05
CA PHE C 341 14.16 -33.94 -27.82
C PHE C 341 12.96 -34.54 -27.12
N LEU C 342 11.90 -34.81 -27.88
CA LEU C 342 10.65 -35.36 -27.34
C LEU C 342 10.42 -36.83 -27.71
N SER C 343 9.48 -37.46 -27.00
CA SER C 343 9.09 -38.85 -27.24
C SER C 343 10.28 -39.79 -27.03
S SO4 D . -28.97 -7.88 33.83
O1 SO4 D . -27.72 -7.19 33.48
O2 SO4 D . -28.93 -8.25 35.25
O3 SO4 D . -30.11 -6.96 33.71
O4 SO4 D . -29.19 -9.04 32.96
S SO4 E . -27.75 17.70 11.93
O1 SO4 E . -26.84 18.66 11.30
O2 SO4 E . -27.27 17.51 13.30
O3 SO4 E . -29.15 18.14 12.04
O4 SO4 E . -27.69 16.52 11.04
S SO4 F . -22.75 -13.97 -11.11
O1 SO4 F . -22.35 -12.59 -11.44
O2 SO4 F . -22.06 -14.47 -9.93
O3 SO4 F . -24.20 -14.00 -10.90
O4 SO4 F . -22.36 -14.83 -12.24
CHA HEM G . -27.04 -3.43 -1.42
CHB HEM G . -25.46 -1.88 3.00
CHC HEM G . -28.57 -5.17 5.02
CHD HEM G . -29.59 -7.19 0.70
C1A HEM G . -26.39 -2.71 -0.39
C2A HEM G . -25.50 -1.59 -0.59
C3A HEM G . -25.09 -1.18 0.66
C4A HEM G . -25.72 -2.02 1.60
CMA HEM G . -24.10 0.00 1.16
CAA HEM G . -25.13 -0.98 -1.99
CBA HEM G . -23.87 -1.63 -2.59
CGA HEM G . -23.60 -0.85 -3.86
O1A HEM G . -24.20 0.27 -4.06
O2A HEM G . -22.78 -1.35 -4.65
C1B HEM G . -26.20 -2.62 3.94
C2B HEM G . -26.25 -2.40 5.37
C3B HEM G . -27.12 -3.36 5.83
C4B HEM G . -27.60 -4.14 4.76
CMB HEM G . -25.43 -1.25 6.08
CAB HEM G . -27.73 -3.84 7.25
CBB HEM G . -27.76 -3.02 8.42
C1C HEM G . -29.25 -6.01 4.08
C2C HEM G . -30.29 -7.06 4.21
C3C HEM G . -30.52 -7.58 2.98
C4C HEM G . -29.65 -6.94 2.08
CMC HEM G . -31.09 -7.60 5.48
CAC HEM G . -31.56 -8.69 2.58
CBC HEM G . -31.21 -9.79 1.90
C1D HEM G . -28.98 -6.33 -0.28
C2D HEM G . -29.04 -6.50 -1.70
C3D HEM G . -28.22 -5.34 -2.30
C4D HEM G . -27.80 -4.57 -1.20
CMD HEM G . -29.72 -7.65 -2.53
CAD HEM G . -27.86 -4.93 -3.77
CBD HEM G . -29.05 -4.12 -4.33
CGD HEM G . -28.79 -3.71 -5.74
O1D HEM G . -27.60 -3.81 -6.17
O2D HEM G . -29.77 -3.30 -6.44
NA HEM G . -26.53 -2.95 0.98
NB HEM G . -27.07 -3.69 3.59
NC HEM G . -28.91 -5.99 2.73
ND HEM G . -28.24 -5.16 -0.01
FE HEM G . -27.88 -4.37 1.77
CHA HEM H . 16.26 16.29 15.13
CHB HEM H . 12.40 14.46 17.45
CHC HEM H . 14.36 15.95 21.65
CHD HEM H . 17.51 18.63 19.20
C1A HEM H . 15.08 15.62 15.36
C2A HEM H . 14.31 14.88 14.39
C3A HEM H . 13.23 14.36 15.03
C4A HEM H . 13.30 14.74 16.42
CMA HEM H . 12.13 13.49 14.38
CAA HEM H . 14.68 14.71 12.89
CBA HEM H . 14.16 15.86 12.04
CGA HEM H . 14.48 15.66 10.55
O1A HEM H . 14.99 14.57 10.16
O2A HEM H . 14.23 16.61 9.73
C1B HEM H . 12.64 14.66 18.79
C2B HEM H . 11.90 14.05 19.89
C3B HEM H . 12.45 14.49 21.03
C4B HEM H . 13.55 15.36 20.71
CMB HEM H . 10.69 13.08 19.73
CAB HEM H . 12.09 14.12 22.48
CBB HEM H . 10.85 14.16 22.95
C1C HEM H . 15.37 16.83 21.40
C2C HEM H . 16.16 17.60 22.36
C3C HEM H . 17.01 18.35 21.63
C4C HEM H . 16.81 18.05 20.23
CMC HEM H . 16.01 17.60 23.91
CAC HEM H . 18.05 19.35 22.17
CBC HEM H . 18.66 19.05 23.30
C1D HEM H . 17.48 18.30 17.87
C2D HEM H . 18.25 18.93 16.82
C3D HEM H . 17.86 18.18 15.53
C4D HEM H . 16.89 17.19 15.94
CMD HEM H . 19.27 20.10 16.92
CAD HEM H . 18.41 18.46 14.11
CBD HEM H . 19.37 17.32 13.78
CGD HEM H . 20.00 17.44 12.42
O1D HEM H . 19.39 18.03 11.46
O2D HEM H . 21.14 16.91 12.26
NA HEM H . 14.45 15.51 16.59
NB HEM H . 13.63 15.45 19.33
NC HEM H . 15.81 17.14 20.13
ND HEM H . 16.70 17.30 17.32
FE HEM H . 15.27 16.22 18.34
S SO4 I . -1.58 -14.40 -7.03
O1 SO4 I . -1.84 -15.85 -6.68
O2 SO4 I . -2.40 -13.96 -8.23
O3 SO4 I . -1.94 -13.60 -5.80
O4 SO4 I . -0.12 -14.15 -7.33
CHA HEM J . 14.97 -5.20 -23.16
CHB HEM J . 13.78 -9.64 -21.77
CHC HEM J . 12.35 -10.51 -26.29
CHD HEM J . 14.35 -6.41 -27.82
C1A HEM J . 14.73 -6.29 -22.41
C2A HEM J . 14.85 -6.33 -20.96
C3A HEM J . 14.53 -7.56 -20.58
C4A HEM J . 14.18 -8.34 -21.76
CMA HEM J . 14.49 -8.08 -19.13
CAA HEM J . 15.25 -5.12 -20.09
CBA HEM J . 16.71 -5.19 -19.68
CGA HEM J . 17.17 -3.98 -18.91
O1A HEM J . 16.37 -3.30 -18.20
O2A HEM J . 18.39 -3.69 -19.01
C1B HEM J . 13.24 -10.25 -22.88
C2B HEM J . 12.64 -11.56 -22.91
C3B HEM J . 12.25 -11.78 -24.16
C4B HEM J . 12.60 -10.63 -24.95
CMB HEM J . 12.51 -12.49 -21.68
CAB HEM J . 11.56 -13.05 -24.78
CBB HEM J . 10.57 -13.72 -24.16
C1C HEM J . 12.74 -9.48 -27.12
C2C HEM J . 12.48 -9.36 -28.55
C3C HEM J . 13.04 -8.23 -28.96
C4C HEM J . 13.67 -7.60 -27.82
CMC HEM J . 11.70 -10.35 -29.46
CAC HEM J . 13.03 -7.70 -30.38
CBC HEM J . 14.01 -6.89 -30.77
C1D HEM J . 14.73 -5.72 -26.71
C2D HEM J . 15.40 -4.44 -26.73
C3D HEM J . 15.57 -4.08 -25.24
C4D HEM J . 14.99 -5.16 -24.52
CMD HEM J . 15.84 -3.60 -27.94
CAD HEM J . 16.20 -2.81 -24.63
CBD HEM J . 15.10 -1.76 -24.62
CGD HEM J . 15.55 -0.48 -23.99
O1D HEM J . 16.75 -0.34 -23.60
O2D HEM J . 14.67 0.40 -23.87
NA HEM J . 14.31 -7.53 -22.87
NB HEM J . 13.21 -9.72 -24.14
NC HEM J . 13.46 -8.38 -26.71
ND HEM J . 14.51 -6.12 -25.41
FE HEM J . 13.76 -7.85 -24.80
#